data_5OV9
#
_entry.id   5OV9
#
_cell.length_a   79.630
_cell.length_b   113.890
_cell.length_c   226.670
_cell.angle_alpha   90.000
_cell.angle_beta   90.000
_cell.angle_gamma   90.000
#
_symmetry.space_group_name_H-M   'P 21 21 21'
#
loop_
_entity.id
_entity.type
_entity.pdbx_description
1 polymer Acetylcholinesterase
2 non-polymer 2-acetamido-2-deoxy-beta-D-glucopyranose
3 non-polymer 2-(2-METHOXYETHOXY)ETHANOL
4 non-polymer 2-ETHOXYETHANOL
5 non-polymer 1,2-ETHANEDIOL
6 non-polymer 'CRYSTAL VIOLET'
7 non-polymer DI(HYDROXYETHYL)ETHER
8 non-polymer 'TRIETHYLENE GLYCOL'
9 non-polymer 2-(2-ETHOXYETHOXY)ETHANOL
10 non-polymer 2-{2-[2-(2-{2-[2-(2-ETHOXY-ETHOXY)-ETHOXY]-ETHOXY}-ETHOXY)-ETHOXY]-ETHOXY}-ETHANOL
11 water water
#
_entity_poly.entity_id   1
_entity_poly.type   'polypeptide(L)'
_entity_poly.pdbx_seq_one_letter_code
;EGREDPQLLVRVRGGQLRGIRLKAPGGPVSAFLGIPFAEPPVGSRRFMPPEPKRPWSGVLDATTFQNVCYQYVDTLYPGF
EGTEMWNPNRELSEDCLYLNVWTPYPRPASPTPVLIWIYGGGFYSGAASLDVYDGRFLAQVEGAVLVSMNYRVGTFGFLA
LPGSREAPGNVGLLDQRLALQWVQENIAAFGGDPMSVTLFGESAGAASVGMHILSLPSRSLFHRAVLQSGTPNGPWATVS
AGEARRRATLLARLVGCPPGGAGGNDTELIACLRTRPAQDLVDHEWHVLPQESIFRFSFVPVVDGDFLSDTPEALINTGD
FQDLQVLVGVVKDEGSYFLVYGVPGFSKDNESLISRAQFLAGVRIGVPQASDLAAEAVVLHYTDWLHPEDPTHLRDAMSA
VVGDHNVVCPVAQLAGRLAAQGARVYAYIFEHRASTLTWPLWMGVPHGYEIEFIFGLPLDPSLNYTTEERIFAQRLMKYW
TNFARTGDPNDPRDSKSPQWPPYTTAAQQYVSLNLKPLEVRRGLRAQTCAFWNRFLPKLLSATATEAP
;
_entity_poly.pdbx_strand_id   A,B
#
# COMPACT_ATOMS: atom_id res chain seq x y z
N GLU A 1 -56.42 -8.41 37.87
CA GLU A 1 -57.07 -8.22 36.59
C GLU A 1 -58.43 -7.55 36.88
N GLY A 2 -59.24 -7.27 35.86
CA GLY A 2 -60.63 -6.90 36.07
C GLY A 2 -61.14 -5.77 35.20
N ARG A 3 -60.58 -4.57 35.37
CA ARG A 3 -60.93 -3.41 34.57
C ARG A 3 -59.76 -2.99 33.67
N GLU A 4 -58.60 -3.60 33.86
CA GLU A 4 -57.42 -3.29 33.04
C GLU A 4 -57.71 -3.72 31.59
N ASP A 5 -56.86 -3.30 30.66
CA ASP A 5 -56.89 -3.78 29.27
C ASP A 5 -56.48 -5.25 29.24
N PRO A 6 -57.40 -6.16 28.88
CA PRO A 6 -57.02 -7.58 28.97
C PRO A 6 -55.95 -8.04 27.99
N GLN A 7 -55.61 -7.23 26.99
CA GLN A 7 -54.66 -7.67 26.00
C GLN A 7 -53.22 -7.31 26.36
N LEU A 8 -53.02 -6.89 27.61
CA LEU A 8 -51.73 -6.38 28.07
C LEU A 8 -51.27 -7.15 29.29
N LEU A 9 -51.91 -8.28 29.55
CA LEU A 9 -51.58 -9.08 30.73
C LEU A 9 -51.05 -10.41 30.26
N VAL A 10 -49.98 -10.84 30.91
CA VAL A 10 -49.13 -11.93 30.42
C VAL A 10 -48.41 -12.54 31.62
N ARG A 11 -48.22 -13.85 31.57
CA ARG A 11 -47.44 -14.54 32.58
C ARG A 11 -46.15 -15.09 32.00
N VAL A 12 -45.07 -14.90 32.74
CA VAL A 12 -43.79 -15.53 32.45
C VAL A 12 -43.31 -16.35 33.65
N ARG A 13 -42.15 -16.98 33.51
CA ARG A 13 -41.70 -17.97 34.50
C ARG A 13 -41.66 -17.43 35.92
N GLY A 14 -41.42 -16.13 36.05
CA GLY A 14 -41.32 -15.50 37.34
C GLY A 14 -42.61 -14.89 37.88
N GLY A 15 -43.64 -14.83 37.05
CA GLY A 15 -44.92 -14.30 37.50
C GLY A 15 -45.65 -13.50 36.42
N GLN A 16 -46.66 -12.76 36.85
CA GLN A 16 -47.52 -12.00 35.98
C GLN A 16 -47.00 -10.60 35.73
N LEU A 17 -47.20 -10.11 34.50
CA LEU A 17 -46.79 -8.77 34.07
C LEU A 17 -47.97 -7.97 33.53
N ARG A 18 -47.93 -6.65 33.70
CA ARG A 18 -48.81 -5.76 32.97
C ARG A 18 -47.98 -4.83 32.09
N GLY A 19 -48.24 -4.88 30.80
CA GLY A 19 -47.55 -4.05 29.85
C GLY A 19 -48.41 -2.85 29.55
N ILE A 20 -47.99 -2.09 28.54
CA ILE A 20 -48.65 -0.85 28.18
C ILE A 20 -48.84 -0.81 26.65
N ARG A 21 -49.93 -0.19 26.22
CA ARG A 21 -50.24 -0.01 24.81
C ARG A 21 -49.60 1.26 24.32
N LEU A 22 -48.67 1.19 23.37
CA LEU A 22 -48.02 2.42 22.88
C LEU A 22 -48.43 2.78 21.47
N LYS A 23 -48.35 4.07 21.14
CA LYS A 23 -48.71 4.54 19.82
C LYS A 23 -47.47 4.55 18.93
N ALA A 24 -47.56 3.90 17.78
CA ALA A 24 -46.58 4.05 16.75
C ALA A 24 -47.35 4.73 15.66
N PRO A 25 -46.64 5.38 14.73
CA PRO A 25 -47.27 6.21 13.69
C PRO A 25 -48.41 5.50 12.98
N GLY A 26 -48.25 4.21 12.71
CA GLY A 26 -49.25 3.49 11.95
C GLY A 26 -50.23 2.67 12.80
N GLY A 27 -50.07 2.65 14.12
CA GLY A 27 -50.96 1.89 14.98
C GLY A 27 -50.35 1.57 16.33
N PRO A 28 -51.11 0.86 17.17
CA PRO A 28 -50.66 0.49 18.52
C PRO A 28 -49.66 -0.67 18.51
N VAL A 29 -48.78 -0.70 19.52
CA VAL A 29 -47.93 -1.84 19.77
C VAL A 29 -48.00 -2.18 21.26
N SER A 30 -47.60 -3.39 21.62
CA SER A 30 -47.56 -3.78 23.02
C SER A 30 -46.14 -3.60 23.49
N ALA A 31 -45.95 -3.03 24.67
CA ALA A 31 -44.63 -2.94 25.28
C ALA A 31 -44.63 -3.46 26.71
N PHE A 32 -43.67 -4.33 27.01
CA PHE A 32 -43.45 -4.77 28.37
C PHE A 32 -42.05 -4.39 28.74
N LEU A 33 -41.97 -3.32 29.53
CA LEU A 33 -40.71 -2.69 29.86
C LEU A 33 -40.31 -2.92 31.29
N GLY A 34 -39.01 -3.10 31.48
CA GLY A 34 -38.43 -3.18 32.79
C GLY A 34 -38.74 -4.50 33.47
N ILE A 35 -38.70 -5.58 32.69
CA ILE A 35 -38.89 -6.92 33.25
C ILE A 35 -37.59 -7.40 33.88
N PRO A 36 -37.60 -7.67 35.18
CA PRO A 36 -36.34 -8.14 35.77
C PRO A 36 -35.98 -9.57 35.34
N PHE A 37 -34.72 -9.83 34.96
CA PHE A 37 -34.29 -11.16 34.53
C PHE A 37 -33.19 -11.70 35.45
N ALA A 38 -32.70 -10.87 36.37
CA ALA A 38 -31.70 -11.30 37.35
C ALA A 38 -32.01 -10.71 38.70
N GLU A 39 -31.53 -11.37 39.76
CA GLU A 39 -31.36 -10.72 41.05
C GLU A 39 -30.48 -9.48 40.91
N PRO A 40 -30.86 -8.38 41.57
CA PRO A 40 -30.03 -7.17 41.47
C PRO A 40 -28.57 -7.43 41.84
N PRO A 41 -27.63 -7.22 40.91
CA PRO A 41 -26.22 -7.54 41.18
C PRO A 41 -25.57 -6.49 42.08
N VAL A 42 -26.14 -6.33 43.28
CA VAL A 42 -25.71 -5.29 44.20
C VAL A 42 -25.01 -5.84 45.47
N GLY A 43 -24.30 -4.98 46.19
CA GLY A 43 -23.63 -5.41 47.41
C GLY A 43 -22.59 -6.49 47.17
N SER A 44 -22.69 -7.55 47.95
CA SER A 44 -21.80 -8.70 47.81
C SER A 44 -21.89 -9.39 46.44
N ARG A 45 -22.88 -9.02 45.62
CA ARG A 45 -22.98 -9.56 44.27
C ARG A 45 -22.24 -8.75 43.20
N ARG A 46 -21.68 -7.61 43.58
CA ARG A 46 -20.96 -6.79 42.60
C ARG A 46 -19.77 -7.62 42.07
N PHE A 47 -19.59 -7.58 40.76
CA PHE A 47 -18.54 -8.30 40.05
C PHE A 47 -18.87 -9.78 39.85
N MET A 48 -19.96 -10.27 40.45
CA MET A 48 -20.28 -11.70 40.35
C MET A 48 -21.20 -11.99 39.16
N PRO A 49 -21.16 -13.22 38.66
CA PRO A 49 -22.10 -13.69 37.64
C PRO A 49 -23.51 -13.41 38.05
N PRO A 50 -24.39 -13.11 37.10
CA PRO A 50 -25.77 -12.85 37.46
C PRO A 50 -26.46 -14.12 37.96
N GLU A 51 -27.31 -13.99 38.98
CA GLU A 51 -28.24 -15.08 39.36
C GLU A 51 -29.62 -14.76 38.75
N PRO A 52 -30.31 -15.77 38.21
CA PRO A 52 -31.69 -15.61 37.71
C PRO A 52 -32.66 -15.02 38.74
N LYS A 53 -33.53 -14.10 38.30
CA LYS A 53 -34.55 -13.50 39.14
C LYS A 53 -35.44 -14.55 39.80
N ARG A 54 -35.61 -14.45 41.10
CA ARG A 54 -36.50 -15.34 41.81
C ARG A 54 -37.93 -14.86 41.52
N PRO A 55 -38.89 -15.79 41.41
CA PRO A 55 -40.27 -15.39 41.12
C PRO A 55 -40.82 -14.35 42.09
N TRP A 56 -41.66 -13.46 41.58
CA TRP A 56 -42.36 -12.47 42.39
C TRP A 56 -43.83 -12.80 42.55
N SER A 57 -44.50 -12.09 43.44
CA SER A 57 -45.92 -12.32 43.65
C SER A 57 -46.72 -11.13 43.13
N GLY A 58 -47.97 -11.41 42.75
CA GLY A 58 -48.82 -10.40 42.17
C GLY A 58 -48.42 -10.05 40.76
N VAL A 59 -48.94 -8.92 40.28
CA VAL A 59 -48.70 -8.48 38.91
C VAL A 59 -47.64 -7.37 38.91
N LEU A 60 -46.48 -7.69 38.38
CA LEU A 60 -45.40 -6.74 38.25
C LEU A 60 -45.79 -5.76 37.14
N ASP A 61 -45.77 -4.46 37.48
CA ASP A 61 -45.99 -3.42 36.49
C ASP A 61 -44.78 -3.31 35.51
N ALA A 62 -45.02 -3.56 34.24
CA ALA A 62 -44.00 -3.51 33.23
C ALA A 62 -44.32 -2.46 32.18
N THR A 63 -44.63 -1.23 32.63
CA THR A 63 -45.06 -0.15 31.73
C THR A 63 -44.03 1.01 31.58
N THR A 64 -42.90 0.91 32.26
CA THR A 64 -41.84 1.93 32.18
C THR A 64 -40.43 1.34 32.16
N PHE A 65 -39.49 2.03 31.53
CA PHE A 65 -38.11 1.58 31.58
C PHE A 65 -37.60 1.61 33.00
N GLN A 66 -36.73 0.67 33.32
CA GLN A 66 -36.03 0.64 34.58
C GLN A 66 -34.66 1.32 34.55
N ASN A 67 -33.97 1.27 35.69
CA ASN A 67 -32.69 1.91 35.87
C ASN A 67 -31.67 1.48 34.82
N VAL A 68 -30.84 2.44 34.47
CA VAL A 68 -29.66 2.21 33.67
C VAL A 68 -28.49 1.76 34.55
N CYS A 69 -27.66 0.83 34.06
CA CYS A 69 -26.53 0.37 34.85
C CYS A 69 -25.53 1.53 35.06
N TYR A 70 -24.89 1.52 36.21
CA TYR A 70 -24.03 2.61 36.63
C TYR A 70 -22.88 2.83 35.64
N GLN A 71 -22.73 4.07 35.19
CA GLN A 71 -21.76 4.37 34.13
C GLN A 71 -21.36 5.82 34.08
N TYR A 72 -20.30 6.08 33.31
CA TYR A 72 -19.91 7.43 32.94
C TYR A 72 -21.05 8.18 32.27
N VAL A 73 -21.24 9.45 32.64
CA VAL A 73 -22.18 10.33 31.94
C VAL A 73 -21.44 11.51 31.33
N ASP A 74 -21.71 11.78 30.05
CA ASP A 74 -20.98 12.85 29.35
C ASP A 74 -21.59 14.20 29.63
N THR A 75 -20.78 15.09 30.17
CA THR A 75 -21.26 16.40 30.62
C THR A 75 -20.49 17.54 29.94
N LEU A 76 -19.60 17.19 29.01
CA LEU A 76 -18.73 18.20 28.40
C LEU A 76 -19.51 19.28 27.64
N TYR A 77 -20.51 18.86 26.86
CA TYR A 77 -21.24 19.77 25.96
C TYR A 77 -22.72 19.93 26.34
N PRO A 78 -23.03 20.81 27.32
CA PRO A 78 -24.41 21.11 27.74
C PRO A 78 -25.37 21.27 26.56
N GLY A 79 -26.34 20.37 26.45
CA GLY A 79 -27.40 20.51 25.46
C GLY A 79 -27.04 20.09 24.05
N PHE A 80 -25.92 19.39 23.91
CA PHE A 80 -25.46 18.92 22.61
C PHE A 80 -26.05 17.53 22.33
N GLU A 81 -26.99 17.47 21.41
CA GLU A 81 -27.67 16.21 21.06
C GLU A 81 -26.67 15.12 20.71
N GLY A 82 -25.56 15.50 20.06
CA GLY A 82 -24.58 14.54 19.56
C GLY A 82 -24.01 13.65 20.66
N THR A 83 -23.78 14.23 21.83
CA THR A 83 -23.40 13.41 22.97
C THR A 83 -24.65 12.95 23.78
N GLU A 84 -25.65 13.81 23.93
CA GLU A 84 -26.74 13.55 24.88
C GLU A 84 -27.63 12.36 24.45
N MET A 85 -27.78 12.11 23.15
CA MET A 85 -28.63 11.02 22.73
C MET A 85 -28.13 9.67 23.24
N TRP A 86 -26.85 9.60 23.59
CA TRP A 86 -26.22 8.38 24.08
C TRP A 86 -26.19 8.27 25.61
N ASN A 87 -26.46 9.35 26.31
CA ASN A 87 -26.39 9.33 27.79
C ASN A 87 -27.57 8.62 28.48
N PRO A 88 -27.39 8.14 29.72
CA PRO A 88 -28.49 7.51 30.46
C PRO A 88 -29.73 8.39 30.56
N ASN A 89 -30.87 7.80 30.25
CA ASN A 89 -32.12 8.51 30.24
C ASN A 89 -33.09 8.03 31.35
N ARG A 90 -32.58 7.20 32.25
CA ARG A 90 -33.25 6.81 33.49
C ARG A 90 -32.18 6.85 34.60
N GLU A 91 -32.60 6.64 35.83
CA GLU A 91 -31.67 6.74 36.97
C GLU A 91 -30.54 5.73 36.91
N LEU A 92 -29.35 6.13 37.34
CA LEU A 92 -28.22 5.21 37.41
C LEU A 92 -28.34 4.35 38.64
N SER A 93 -28.15 3.06 38.48
CA SER A 93 -28.13 2.18 39.63
C SER A 93 -27.41 0.88 39.31
N GLU A 94 -26.81 0.24 40.31
CA GLU A 94 -26.30 -1.11 40.13
C GLU A 94 -27.44 -2.13 39.98
N ASP A 95 -28.61 -1.78 40.50
CA ASP A 95 -29.83 -2.56 40.31
C ASP A 95 -30.42 -2.19 38.96
N CYS A 96 -30.01 -2.91 37.92
CA CYS A 96 -30.27 -2.46 36.55
C CYS A 96 -30.52 -3.58 35.57
N LEU A 97 -30.58 -4.81 36.04
CA LEU A 97 -30.72 -5.93 35.12
C LEU A 97 -32.20 -6.21 34.81
N TYR A 98 -32.72 -5.41 33.87
CA TYR A 98 -34.08 -5.57 33.36
C TYR A 98 -34.02 -5.66 31.83
N LEU A 99 -35.07 -6.19 31.21
CA LEU A 99 -35.13 -6.21 29.75
C LEU A 99 -36.51 -5.74 29.30
N ASN A 100 -36.60 -5.51 27.99
CA ASN A 100 -37.78 -4.90 27.41
C ASN A 100 -38.26 -5.73 26.24
N VAL A 101 -39.59 -5.76 26.05
CA VAL A 101 -40.21 -6.53 24.98
C VAL A 101 -41.24 -5.67 24.25
N TRP A 102 -41.12 -5.59 22.93
CA TRP A 102 -42.12 -4.94 22.08
C TRP A 102 -42.69 -6.00 21.18
N THR A 103 -44.00 -5.96 20.98
CA THR A 103 -44.69 -6.83 20.04
C THR A 103 -45.82 -6.06 19.42
N PRO A 104 -46.43 -6.63 18.36
CA PRO A 104 -47.70 -6.10 17.86
C PRO A 104 -48.78 -6.06 18.94
N TYR A 105 -49.80 -5.26 18.66
CA TYR A 105 -51.00 -5.13 19.48
C TYR A 105 -52.18 -5.31 18.59
N PRO A 106 -53.01 -6.34 18.82
CA PRO A 106 -52.87 -7.44 19.78
C PRO A 106 -51.63 -8.26 19.50
N ARG A 107 -51.21 -9.07 20.48
N ARG A 107 -51.19 -9.07 20.47
CA ARG A 107 -50.03 -9.92 20.29
CA ARG A 107 -49.97 -9.87 20.30
C ARG A 107 -50.22 -10.84 19.11
C ARG A 107 -50.18 -10.94 19.24
N PRO A 108 -49.12 -11.28 18.48
CA PRO A 108 -49.26 -12.18 17.33
C PRO A 108 -49.93 -13.51 17.65
N ALA A 109 -50.79 -13.96 16.75
CA ALA A 109 -51.50 -15.25 16.90
C ALA A 109 -50.63 -16.49 16.70
N SER A 110 -49.59 -16.35 15.89
CA SER A 110 -48.68 -17.47 15.59
C SER A 110 -47.24 -17.04 15.85
N PRO A 111 -46.36 -18.00 16.17
CA PRO A 111 -44.98 -17.75 16.58
C PRO A 111 -44.21 -16.83 15.60
N THR A 112 -43.55 -15.83 16.15
CA THR A 112 -43.07 -14.71 15.38
C THR A 112 -41.55 -14.58 15.62
N PRO A 113 -40.77 -14.45 14.55
CA PRO A 113 -39.32 -14.27 14.66
C PRO A 113 -38.96 -13.15 15.60
N VAL A 114 -38.04 -13.45 16.50
CA VAL A 114 -37.58 -12.55 17.55
C VAL A 114 -36.24 -11.89 17.17
N LEU A 115 -36.16 -10.59 17.41
CA LEU A 115 -34.92 -9.86 17.31
C LEU A 115 -34.47 -9.42 18.70
N ILE A 116 -33.21 -9.67 19.06
CA ILE A 116 -32.67 -9.19 20.31
C ILE A 116 -31.51 -8.21 20.07
N TRP A 117 -31.67 -6.99 20.60
CA TRP A 117 -30.76 -5.90 20.47
C TRP A 117 -29.83 -5.88 21.64
N ILE A 118 -28.53 -5.77 21.34
CA ILE A 118 -27.49 -5.57 22.37
C ILE A 118 -26.79 -4.24 22.11
N TYR A 119 -26.95 -3.28 23.01
CA TYR A 119 -26.44 -1.94 22.76
C TYR A 119 -24.89 -1.88 22.82
N GLY A 120 -24.34 -0.87 22.16
CA GLY A 120 -22.94 -0.52 22.30
C GLY A 120 -22.73 0.58 23.33
N GLY A 121 -21.52 1.10 23.33
CA GLY A 121 -21.02 2.11 24.25
C GLY A 121 -19.69 1.70 24.88
N GLY A 122 -18.81 1.09 24.07
CA GLY A 122 -17.43 0.83 24.50
C GLY A 122 -17.28 -0.08 25.70
N PHE A 123 -18.37 -0.77 26.05
CA PHE A 123 -18.43 -1.62 27.25
C PHE A 123 -18.34 -0.83 28.55
N TYR A 124 -18.46 0.51 28.47
CA TYR A 124 -18.43 1.36 29.65
C TYR A 124 -19.70 2.18 29.75
N SER A 125 -20.60 2.02 28.79
CA SER A 125 -21.83 2.80 28.77
C SER A 125 -22.90 2.17 27.88
N GLY A 126 -24.06 2.80 27.88
CA GLY A 126 -25.22 2.33 27.11
C GLY A 126 -26.43 1.92 27.95
N ALA A 127 -27.57 1.77 27.27
CA ALA A 127 -28.82 1.39 27.90
C ALA A 127 -29.87 0.97 26.87
N ALA A 128 -30.72 0.01 27.21
CA ALA A 128 -31.73 -0.44 26.26
C ALA A 128 -32.90 0.52 26.14
N SER A 129 -32.92 1.52 27.00
CA SER A 129 -34.02 2.48 27.03
C SER A 129 -33.80 3.72 26.17
N LEU A 130 -32.65 3.85 25.51
CA LEU A 130 -32.44 5.07 24.71
C LEU A 130 -33.45 5.14 23.58
N ASP A 131 -33.86 6.36 23.28
CA ASP A 131 -34.78 6.63 22.21
C ASP A 131 -34.36 5.97 20.90
N VAL A 132 -33.07 5.95 20.62
CA VAL A 132 -32.62 5.44 19.34
C VAL A 132 -32.81 3.93 19.22
N TYR A 133 -33.02 3.24 20.35
CA TYR A 133 -33.25 1.78 20.34
C TYR A 133 -34.75 1.44 20.55
N ASP A 134 -35.65 2.36 20.22
CA ASP A 134 -37.09 2.19 20.45
C ASP A 134 -37.71 1.11 19.53
N GLY A 135 -38.21 0.02 20.13
CA GLY A 135 -38.71 -1.11 19.34
C GLY A 135 -40.03 -0.94 18.63
N ARG A 136 -40.71 0.19 18.81
CA ARG A 136 -42.12 0.24 18.43
C ARG A 136 -42.31 0.21 16.90
N PHE A 137 -41.34 0.73 16.14
CA PHE A 137 -41.49 0.82 14.68
C PHE A 137 -41.33 -0.55 14.01
N LEU A 138 -40.27 -1.26 14.41
CA LEU A 138 -40.08 -2.62 13.96
C LEU A 138 -41.29 -3.51 14.35
N ALA A 139 -41.75 -3.42 15.60
CA ALA A 139 -42.93 -4.18 16.06
C ALA A 139 -44.18 -3.87 15.25
N GLN A 140 -44.46 -2.59 15.09
CA GLN A 140 -45.64 -2.18 14.35
C GLN A 140 -45.55 -2.44 12.83
N VAL A 141 -44.46 -2.02 12.21
CA VAL A 141 -44.43 -2.03 10.75
C VAL A 141 -44.11 -3.40 10.18
N GLU A 142 -43.22 -4.11 10.85
CA GLU A 142 -42.80 -5.45 10.40
C GLU A 142 -43.35 -6.59 11.25
N GLY A 143 -44.16 -6.26 12.24
CA GLY A 143 -44.70 -7.30 13.09
C GLY A 143 -43.67 -8.04 13.92
N ALA A 144 -42.52 -7.42 14.20
CA ALA A 144 -41.44 -8.09 14.91
C ALA A 144 -41.73 -8.26 16.40
N VAL A 145 -41.17 -9.29 17.02
CA VAL A 145 -41.02 -9.31 18.47
C VAL A 145 -39.57 -8.86 18.76
N LEU A 146 -39.39 -7.79 19.53
CA LEU A 146 -38.09 -7.21 19.74
C LEU A 146 -37.81 -7.15 21.21
N VAL A 147 -36.66 -7.72 21.58
CA VAL A 147 -36.22 -7.71 22.95
C VAL A 147 -34.91 -6.95 23.08
N SER A 148 -34.76 -6.23 24.18
CA SER A 148 -33.51 -5.54 24.48
C SER A 148 -33.29 -5.63 25.99
N MET A 149 -32.04 -5.91 26.37
CA MET A 149 -31.64 -6.04 27.76
C MET A 149 -30.56 -5.05 28.15
N ASN A 150 -30.61 -4.65 29.41
CA ASN A 150 -29.54 -3.97 30.09
C ASN A 150 -28.52 -5.01 30.49
N TYR A 151 -27.24 -4.65 30.47
CA TYR A 151 -26.19 -5.55 30.94
C TYR A 151 -25.14 -4.67 31.57
N ARG A 152 -24.47 -5.17 32.60
CA ARG A 152 -23.51 -4.34 33.32
C ARG A 152 -22.35 -3.87 32.44
N VAL A 153 -21.92 -2.63 32.65
CA VAL A 153 -20.83 -2.08 31.89
C VAL A 153 -19.77 -1.55 32.83
N GLY A 154 -18.60 -1.22 32.25
CA GLY A 154 -17.46 -0.71 33.00
C GLY A 154 -16.94 -1.73 33.99
N THR A 155 -16.43 -1.26 35.13
CA THR A 155 -15.94 -2.14 36.17
C THR A 155 -17.01 -3.15 36.62
N PHE A 156 -18.25 -2.70 36.76
CA PHE A 156 -19.31 -3.56 37.31
C PHE A 156 -19.56 -4.72 36.36
N GLY A 157 -19.41 -4.47 35.06
CA GLY A 157 -19.60 -5.51 34.07
C GLY A 157 -18.36 -6.32 33.70
N PHE A 158 -17.15 -5.75 33.83
CA PHE A 158 -15.98 -6.35 33.18
C PHE A 158 -14.70 -6.34 33.95
N LEU A 159 -14.67 -5.70 35.11
CA LEU A 159 -13.49 -5.80 35.97
C LEU A 159 -13.30 -7.25 36.35
N ALA A 160 -12.07 -7.75 36.18
CA ALA A 160 -11.73 -9.15 36.43
C ALA A 160 -10.40 -9.29 37.16
N LEU A 161 -10.38 -10.20 38.13
CA LEU A 161 -9.17 -10.81 38.63
C LEU A 161 -9.18 -12.26 38.17
N PRO A 162 -8.69 -12.50 36.94
CA PRO A 162 -8.94 -13.80 36.28
C PRO A 162 -8.49 -14.96 37.15
N GLY A 163 -9.33 -15.98 37.27
CA GLY A 163 -9.03 -17.12 38.11
C GLY A 163 -9.61 -17.02 39.52
N SER A 164 -10.12 -15.84 39.88
CA SER A 164 -10.75 -15.69 41.20
C SER A 164 -12.19 -16.19 41.20
N ARG A 165 -12.71 -16.48 42.38
N ARG A 165 -12.74 -16.50 42.36
CA ARG A 165 -14.10 -16.90 42.55
CA ARG A 165 -14.16 -16.89 42.43
C ARG A 165 -15.01 -15.67 42.46
C ARG A 165 -15.02 -15.62 42.39
N GLU A 166 -14.53 -14.56 43.03
CA GLU A 166 -15.34 -13.36 43.25
C GLU A 166 -15.41 -12.33 42.10
N ALA A 167 -14.47 -12.38 41.16
CA ALA A 167 -14.46 -11.46 39.99
C ALA A 167 -13.83 -12.14 38.77
N PRO A 168 -14.57 -13.09 38.17
CA PRO A 168 -14.00 -13.99 37.15
C PRO A 168 -13.92 -13.35 35.77
N GLY A 169 -14.52 -12.18 35.64
CA GLY A 169 -14.57 -11.49 34.36
C GLY A 169 -15.79 -11.83 33.52
N ASN A 170 -16.08 -10.96 32.57
CA ASN A 170 -17.12 -11.19 31.58
C ASN A 170 -18.56 -11.28 32.13
N VAL A 171 -18.81 -10.85 33.37
CA VAL A 171 -20.15 -10.98 33.93
C VAL A 171 -21.12 -10.16 33.12
N GLY A 172 -20.68 -9.06 32.52
CA GLY A 172 -21.56 -8.33 31.60
C GLY A 172 -22.07 -9.15 30.44
N LEU A 173 -21.19 -10.00 29.89
CA LEU A 173 -21.58 -10.91 28.83
C LEU A 173 -22.53 -11.99 29.40
N LEU A 174 -22.29 -12.40 30.64
CA LEU A 174 -23.18 -13.38 31.27
C LEU A 174 -24.55 -12.75 31.49
N ASP A 175 -24.61 -11.46 31.82
CA ASP A 175 -25.90 -10.76 31.95
C ASP A 175 -26.71 -10.93 30.63
N GLN A 176 -26.03 -10.64 29.53
CA GLN A 176 -26.62 -10.82 28.21
C GLN A 176 -27.08 -12.25 27.97
N ARG A 177 -26.24 -13.22 28.30
CA ARG A 177 -26.60 -14.60 28.08
C ARG A 177 -27.86 -15.02 28.87
N LEU A 178 -27.95 -14.57 30.12
CA LEU A 178 -29.11 -14.83 30.98
C LEU A 178 -30.43 -14.32 30.34
N ALA A 179 -30.37 -13.11 29.77
CA ALA A 179 -31.46 -12.53 28.99
C ALA A 179 -31.83 -13.38 27.80
N LEU A 180 -30.83 -13.93 27.10
CA LEU A 180 -31.09 -14.84 25.97
C LEU A 180 -31.81 -16.08 26.44
N GLN A 181 -31.41 -16.57 27.60
CA GLN A 181 -32.01 -17.77 28.14
C GLN A 181 -33.46 -17.46 28.53
N TRP A 182 -33.68 -16.27 29.08
CA TRP A 182 -34.99 -15.82 29.51
C TRP A 182 -35.90 -15.82 28.29
N VAL A 183 -35.36 -15.38 27.15
CA VAL A 183 -36.12 -15.35 25.90
C VAL A 183 -36.50 -16.77 25.50
N GLN A 184 -35.55 -17.70 25.57
CA GLN A 184 -35.85 -19.08 25.18
C GLN A 184 -37.02 -19.62 25.97
N GLU A 185 -37.04 -19.32 27.26
CA GLU A 185 -38.04 -19.93 28.09
C GLU A 185 -39.38 -19.18 27.98
N ASN A 186 -39.35 -17.86 27.76
CA ASN A 186 -40.52 -17.04 28.01
C ASN A 186 -41.15 -16.33 26.84
N ILE A 187 -40.46 -16.22 25.70
CA ILE A 187 -40.90 -15.29 24.67
C ILE A 187 -42.15 -15.80 23.98
N ALA A 188 -42.34 -17.12 24.00
CA ALA A 188 -43.56 -17.71 23.46
C ALA A 188 -44.83 -17.15 24.11
N ALA A 189 -44.75 -16.67 25.35
CA ALA A 189 -45.92 -16.06 26.02
C ALA A 189 -46.37 -14.79 25.37
N PHE A 190 -45.45 -14.16 24.62
CA PHE A 190 -45.71 -12.89 23.98
C PHE A 190 -46.00 -13.14 22.51
N GLY A 191 -45.96 -14.41 22.09
CA GLY A 191 -46.12 -14.77 20.67
C GLY A 191 -44.81 -14.83 19.86
N GLY A 192 -43.67 -14.69 20.52
CA GLY A 192 -42.39 -14.88 19.86
C GLY A 192 -42.01 -16.35 19.67
N ASP A 193 -41.21 -16.61 18.66
CA ASP A 193 -40.75 -17.93 18.30
C ASP A 193 -39.34 -18.16 18.89
N PRO A 194 -39.23 -18.95 19.96
CA PRO A 194 -37.88 -19.20 20.50
C PRO A 194 -36.98 -19.97 19.51
N MET A 195 -37.57 -20.61 18.50
CA MET A 195 -36.77 -21.32 17.50
C MET A 195 -36.34 -20.42 16.32
N SER A 196 -36.60 -19.12 16.40
CA SER A 196 -36.12 -18.16 15.42
C SER A 196 -35.72 -16.85 16.10
N VAL A 197 -34.50 -16.83 16.62
CA VAL A 197 -33.95 -15.70 17.36
C VAL A 197 -32.71 -15.16 16.63
N THR A 198 -32.73 -13.88 16.28
CA THR A 198 -31.63 -13.16 15.64
C THR A 198 -31.08 -12.11 16.61
N LEU A 199 -29.80 -12.19 16.99
CA LEU A 199 -29.15 -11.11 17.71
C LEU A 199 -28.67 -10.01 16.75
N PHE A 200 -28.82 -8.75 17.14
CA PHE A 200 -28.17 -7.67 16.42
C PHE A 200 -27.70 -6.68 17.45
N GLY A 201 -26.66 -5.94 17.09
CA GLY A 201 -26.01 -4.98 17.98
C GLY A 201 -24.99 -4.13 17.21
N GLU A 202 -24.55 -3.06 17.85
CA GLU A 202 -23.69 -2.10 17.20
C GLU A 202 -22.50 -1.78 18.12
N SER A 203 -21.30 -1.61 17.53
CA SER A 203 -20.06 -1.29 18.25
C SER A 203 -19.77 -2.37 19.32
N ALA A 204 -19.64 -2.01 20.59
CA ALA A 204 -19.44 -3.07 21.62
C ALA A 204 -20.58 -4.11 21.67
N GLY A 205 -21.80 -3.67 21.31
CA GLY A 205 -22.92 -4.60 21.16
C GLY A 205 -22.70 -5.60 20.04
N ALA A 206 -22.18 -5.16 18.90
CA ALA A 206 -21.76 -6.11 17.86
C ALA A 206 -20.64 -7.05 18.34
N ALA A 207 -19.64 -6.50 19.00
CA ALA A 207 -18.55 -7.31 19.53
C ALA A 207 -19.16 -8.38 20.44
N SER A 208 -20.12 -7.96 21.25
CA SER A 208 -20.87 -8.89 22.15
C SER A 208 -21.57 -10.02 21.38
N VAL A 209 -22.37 -9.67 20.37
CA VAL A 209 -22.96 -10.67 19.47
C VAL A 209 -21.88 -11.63 18.98
N GLY A 210 -20.75 -11.08 18.55
CA GLY A 210 -19.64 -11.91 18.08
C GLY A 210 -19.15 -12.88 19.14
N MET A 211 -19.08 -12.42 20.36
CA MET A 211 -18.66 -13.30 21.43
C MET A 211 -19.68 -14.39 21.74
N HIS A 212 -20.98 -14.15 21.53
CA HIS A 212 -21.94 -15.21 21.68
C HIS A 212 -21.80 -16.24 20.56
N ILE A 213 -21.51 -15.79 19.34
CA ILE A 213 -21.22 -16.71 18.25
C ILE A 213 -20.06 -17.63 18.63
N LEU A 214 -19.10 -17.11 19.42
CA LEU A 214 -17.83 -17.78 19.69
C LEU A 214 -17.83 -18.55 21.00
N SER A 215 -18.87 -18.36 21.80
CA SER A 215 -18.99 -19.05 23.09
C SER A 215 -20.05 -20.11 23.03
N LEU A 216 -19.67 -21.35 23.19
CA LEU A 216 -20.56 -22.48 22.90
C LEU A 216 -21.90 -22.46 23.68
N PRO A 217 -21.86 -22.19 24.99
CA PRO A 217 -23.16 -22.17 25.67
C PRO A 217 -24.16 -21.12 25.16
N SER A 218 -23.72 -20.08 24.44
CA SER A 218 -24.66 -19.09 23.86
C SER A 218 -25.27 -19.54 22.57
N ARG A 219 -24.63 -20.51 21.93
CA ARG A 219 -24.99 -20.88 20.56
C ARG A 219 -26.35 -21.51 20.43
N SER A 220 -26.80 -22.19 21.47
CA SER A 220 -28.12 -22.81 21.48
C SER A 220 -29.23 -21.80 21.72
N LEU A 221 -28.86 -20.52 21.91
CA LEU A 221 -29.82 -19.51 22.35
C LEU A 221 -30.22 -18.58 21.24
N PHE A 222 -29.64 -18.76 20.05
CA PHE A 222 -29.97 -17.92 18.91
C PHE A 222 -29.59 -18.65 17.65
N HIS A 223 -30.06 -18.18 16.51
CA HIS A 223 -29.86 -18.87 15.24
C HIS A 223 -29.12 -18.06 14.16
N ARG A 224 -29.14 -16.73 14.31
CA ARG A 224 -28.69 -15.79 13.29
C ARG A 224 -28.16 -14.54 13.99
N ALA A 225 -27.31 -13.77 13.32
CA ALA A 225 -26.60 -12.69 13.97
C ALA A 225 -26.29 -11.51 13.03
N VAL A 226 -26.36 -10.31 13.59
CA VAL A 226 -26.05 -9.07 12.89
C VAL A 226 -24.99 -8.29 13.67
N LEU A 227 -23.88 -7.93 13.03
CA LEU A 227 -22.79 -7.19 13.69
C LEU A 227 -22.60 -5.88 13.00
N GLN A 228 -23.05 -4.81 13.65
CA GLN A 228 -22.98 -3.47 13.04
C GLN A 228 -21.78 -2.71 13.60
N SER A 229 -20.81 -2.44 12.74
CA SER A 229 -19.67 -1.60 13.12
C SER A 229 -18.96 -2.13 14.36
N GLY A 230 -18.74 -3.44 14.44
CA GLY A 230 -18.05 -4.01 15.58
C GLY A 230 -17.86 -5.51 15.45
N THR A 231 -16.87 -6.02 16.15
CA THR A 231 -16.46 -7.40 15.99
C THR A 231 -15.85 -7.88 17.30
N PRO A 232 -15.87 -9.19 17.55
CA PRO A 232 -15.21 -9.64 18.79
C PRO A 232 -13.69 -9.66 18.63
N ASN A 233 -13.19 -9.89 17.41
CA ASN A 233 -11.77 -9.75 17.11
C ASN A 233 -11.41 -8.28 17.02
N GLY A 234 -10.12 -7.97 16.89
CA GLY A 234 -9.68 -6.58 16.79
C GLY A 234 -9.04 -6.00 18.03
N PRO A 235 -8.59 -4.75 17.96
CA PRO A 235 -7.67 -4.19 18.95
C PRO A 235 -8.31 -3.77 20.29
N TRP A 236 -9.62 -3.63 20.34
CA TRP A 236 -10.27 -3.00 21.52
C TRP A 236 -11.29 -3.88 22.26
N ALA A 237 -11.84 -4.91 21.62
CA ALA A 237 -13.01 -5.62 22.24
C ALA A 237 -12.61 -6.61 23.35
N THR A 238 -11.35 -7.02 23.42
CA THR A 238 -10.88 -7.92 24.48
C THR A 238 -9.52 -7.53 25.08
N VAL A 239 -9.24 -8.01 26.27
CA VAL A 239 -7.91 -7.91 26.86
C VAL A 239 -7.50 -9.31 27.26
N SER A 240 -6.20 -9.49 27.49
CA SER A 240 -5.69 -10.72 28.05
C SER A 240 -6.01 -10.78 29.51
N ALA A 241 -5.95 -11.98 30.06
CA ALA A 241 -6.07 -12.17 31.50
C ALA A 241 -5.03 -11.33 32.24
N GLY A 242 -3.77 -11.43 31.85
CA GLY A 242 -2.70 -10.65 32.45
C GLY A 242 -3.04 -9.17 32.50
N GLU A 243 -3.53 -8.64 31.38
CA GLU A 243 -3.78 -7.21 31.29
C GLU A 243 -5.01 -6.81 32.10
N ALA A 244 -6.03 -7.67 32.12
CA ALA A 244 -7.22 -7.37 32.92
C ALA A 244 -6.84 -7.40 34.41
N ARG A 245 -5.97 -8.32 34.79
CA ARG A 245 -5.48 -8.39 36.17
C ARG A 245 -4.74 -7.13 36.55
N ARG A 246 -3.94 -6.62 35.62
CA ARG A 246 -3.18 -5.41 35.84
C ARG A 246 -4.08 -4.19 36.07
N ARG A 247 -5.06 -4.05 35.19
CA ARG A 247 -5.99 -2.93 35.23
C ARG A 247 -6.82 -2.92 36.51
N ALA A 248 -7.27 -4.09 36.94
CA ALA A 248 -8.10 -4.16 38.14
C ALA A 248 -7.27 -3.89 39.36
N THR A 249 -6.03 -4.37 39.37
CA THR A 249 -5.17 -4.14 40.53
C THR A 249 -4.82 -2.64 40.68
N LEU A 250 -4.56 -1.97 39.55
CA LEU A 250 -4.27 -0.55 39.57
C LEU A 250 -5.48 0.24 40.02
N LEU A 251 -6.64 -0.12 39.50
CA LEU A 251 -7.86 0.59 39.87
C LEU A 251 -8.07 0.48 41.37
N ALA A 252 -7.91 -0.74 41.90
CA ALA A 252 -8.03 -0.96 43.34
C ALA A 252 -7.11 0.00 44.12
N ARG A 253 -5.84 0.09 43.73
N ARG A 253 -5.85 0.10 43.72
CA ARG A 253 -4.92 1.02 44.39
CA ARG A 253 -4.92 1.01 44.39
C ARG A 253 -5.46 2.45 44.36
C ARG A 253 -5.40 2.47 44.35
N LEU A 254 -5.90 2.90 43.19
CA LEU A 254 -6.34 4.28 43.03
C LEU A 254 -7.57 4.65 43.84
N VAL A 255 -8.36 3.66 44.22
CA VAL A 255 -9.51 3.92 45.10
C VAL A 255 -9.24 3.44 46.53
N GLY A 256 -8.00 3.06 46.81
CA GLY A 256 -7.56 2.84 48.18
C GLY A 256 -7.71 1.43 48.69
N CYS A 257 -7.39 0.46 47.85
CA CYS A 257 -7.52 -0.93 48.21
C CYS A 257 -6.15 -1.59 48.08
N ASN A 265 -3.62 -11.44 47.73
CA ASN A 265 -4.84 -12.25 47.88
C ASN A 265 -6.05 -11.53 47.24
N ASP A 266 -6.66 -12.18 46.26
CA ASP A 266 -7.72 -11.56 45.47
C ASP A 266 -8.97 -11.26 46.30
N THR A 267 -9.27 -12.14 47.25
CA THR A 267 -10.50 -12.05 48.03
C THR A 267 -10.58 -10.74 48.77
N GLU A 268 -9.54 -10.42 49.53
CA GLU A 268 -9.43 -9.14 50.24
C GLU A 268 -9.54 -7.95 49.28
N LEU A 269 -8.78 -7.97 48.20
CA LEU A 269 -8.83 -6.92 47.20
C LEU A 269 -10.26 -6.68 46.68
N ILE A 270 -10.88 -7.72 46.16
CA ILE A 270 -12.23 -7.61 45.62
C ILE A 270 -13.22 -7.18 46.70
N ALA A 271 -13.08 -7.76 47.88
CA ALA A 271 -13.93 -7.40 48.99
C ALA A 271 -13.87 -5.90 49.24
N CYS A 272 -12.67 -5.36 49.17
CA CYS A 272 -12.48 -3.94 49.40
C CYS A 272 -13.11 -3.14 48.27
N LEU A 273 -12.96 -3.60 47.04
CA LEU A 273 -13.62 -2.93 45.92
C LEU A 273 -15.13 -2.89 46.12
N ARG A 274 -15.71 -3.95 46.67
CA ARG A 274 -17.15 -4.00 46.86
C ARG A 274 -17.64 -3.00 47.89
N THR A 275 -16.75 -2.45 48.71
CA THR A 275 -17.16 -1.44 49.68
C THR A 275 -17.13 -0.02 49.11
N ARG A 276 -16.58 0.17 47.91
CA ARG A 276 -16.48 1.50 47.34
C ARG A 276 -17.77 1.96 46.69
N PRO A 277 -18.09 3.25 46.84
CA PRO A 277 -19.26 3.82 46.14
C PRO A 277 -19.16 3.55 44.64
N ALA A 278 -20.29 3.25 43.98
CA ALA A 278 -20.24 3.04 42.52
C ALA A 278 -19.54 4.20 41.77
N GLN A 279 -19.77 5.43 42.21
CA GLN A 279 -19.26 6.59 41.48
C GLN A 279 -17.75 6.76 41.63
N ASP A 280 -17.20 6.27 42.73
CA ASP A 280 -15.76 6.23 42.87
C ASP A 280 -15.14 5.37 41.77
N LEU A 281 -15.77 4.26 41.41
CA LEU A 281 -15.16 3.37 40.44
C LEU A 281 -15.22 4.09 39.09
N VAL A 282 -16.37 4.70 38.77
CA VAL A 282 -16.55 5.39 37.52
C VAL A 282 -15.54 6.54 37.37
N ASP A 283 -15.23 7.20 38.49
CA ASP A 283 -14.40 8.38 38.51
C ASP A 283 -12.94 8.02 38.15
N HIS A 284 -12.58 6.75 38.34
CA HIS A 284 -11.21 6.30 38.12
C HIS A 284 -11.01 5.32 36.96
N GLU A 285 -12.05 4.92 36.25
CA GLU A 285 -11.91 3.73 35.43
C GLU A 285 -10.97 4.00 34.24
N TRP A 286 -10.97 5.22 33.74
CA TRP A 286 -10.14 5.60 32.60
C TRP A 286 -8.65 5.73 32.95
N HIS A 287 -8.34 5.85 34.24
CA HIS A 287 -6.96 6.11 34.67
C HIS A 287 -6.05 4.89 34.54
N VAL A 288 -6.61 3.72 34.29
CA VAL A 288 -5.79 2.53 34.27
C VAL A 288 -5.35 2.13 32.86
N LEU A 289 -5.71 2.90 31.82
CA LEU A 289 -5.31 2.57 30.45
C LEU A 289 -3.79 2.74 30.30
N PRO A 290 -3.12 1.79 29.62
CA PRO A 290 -1.65 1.73 29.55
C PRO A 290 -1.00 2.83 28.74
N GLN A 291 -1.60 3.18 27.59
CA GLN A 291 -1.12 4.28 26.75
C GLN A 291 -2.19 5.34 26.54
N GLU A 292 -1.71 6.53 26.19
CA GLU A 292 -2.52 7.57 25.62
C GLU A 292 -3.18 7.04 24.35
N SER A 293 -4.51 7.08 24.30
CA SER A 293 -5.26 6.38 23.25
C SER A 293 -6.66 6.93 22.99
N ILE A 294 -7.16 6.67 21.78
CA ILE A 294 -8.60 6.75 21.49
C ILE A 294 -9.08 5.36 21.08
N PHE A 295 -10.38 5.13 21.21
CA PHE A 295 -11.03 3.86 20.87
C PHE A 295 -10.42 2.74 21.69
N ARG A 296 -10.19 3.01 22.98
CA ARG A 296 -9.76 2.00 23.95
C ARG A 296 -10.53 2.22 25.26
N PHE A 297 -10.88 1.12 25.91
CA PHE A 297 -11.76 1.19 27.05
C PHE A 297 -11.17 0.27 28.10
N SER A 298 -11.19 0.67 29.37
CA SER A 298 -10.41 -0.04 30.38
C SER A 298 -10.92 -1.42 30.71
N PHE A 299 -12.23 -1.58 30.69
CA PHE A 299 -12.88 -2.77 31.22
C PHE A 299 -13.80 -3.38 30.16
N VAL A 300 -13.27 -4.42 29.55
CA VAL A 300 -13.88 -5.06 28.40
C VAL A 300 -13.81 -6.58 28.59
N PRO A 301 -14.44 -7.35 27.72
CA PRO A 301 -14.33 -8.80 27.86
C PRO A 301 -12.89 -9.29 27.92
N VAL A 302 -12.68 -10.26 28.79
CA VAL A 302 -11.39 -10.83 29.01
C VAL A 302 -11.30 -12.24 28.41
N VAL A 303 -10.15 -12.58 27.83
CA VAL A 303 -9.88 -13.93 27.36
C VAL A 303 -9.56 -14.81 28.57
N ASP A 304 -10.62 -15.42 29.12
CA ASP A 304 -10.57 -16.10 30.42
C ASP A 304 -10.32 -17.60 30.29
N GLY A 305 -10.38 -18.11 29.07
CA GLY A 305 -10.33 -19.55 28.86
C GLY A 305 -11.60 -20.24 29.36
N ASP A 306 -12.72 -19.52 29.33
CA ASP A 306 -14.00 -20.05 29.85
C ASP A 306 -15.13 -19.59 28.94
N PHE A 307 -15.64 -18.37 29.15
CA PHE A 307 -16.54 -17.77 28.16
C PHE A 307 -15.82 -17.73 26.80
N LEU A 308 -14.57 -17.27 26.81
CA LEU A 308 -13.72 -17.29 25.59
C LEU A 308 -12.60 -18.30 25.79
N SER A 309 -12.67 -19.44 25.11
CA SER A 309 -11.72 -20.53 25.35
C SER A 309 -10.35 -20.14 24.88
N ASP A 310 -10.33 -19.13 24.02
CA ASP A 310 -9.13 -18.65 23.35
C ASP A 310 -9.43 -17.24 22.81
N THR A 311 -8.45 -16.60 22.19
CA THR A 311 -8.68 -15.28 21.60
C THR A 311 -9.70 -15.37 20.49
N PRO A 312 -10.51 -14.32 20.31
CA PRO A 312 -11.40 -14.32 19.14
C PRO A 312 -10.64 -14.55 17.85
N GLU A 313 -9.41 -14.02 17.72
CA GLU A 313 -8.64 -14.22 16.50
C GLU A 313 -8.47 -15.71 16.26
N ALA A 314 -8.02 -16.44 17.27
CA ALA A 314 -7.84 -17.89 17.12
C ALA A 314 -9.17 -18.56 16.85
N LEU A 315 -10.23 -18.11 17.54
CA LEU A 315 -11.52 -18.80 17.42
C LEU A 315 -12.14 -18.54 16.05
N ILE A 316 -12.03 -17.31 15.52
CA ILE A 316 -12.57 -17.11 14.18
C ILE A 316 -11.68 -17.79 13.12
N ASN A 317 -10.39 -17.99 13.41
CA ASN A 317 -9.52 -18.62 12.42
C ASN A 317 -9.82 -20.11 12.29
N THR A 318 -10.27 -20.74 13.38
CA THR A 318 -10.40 -22.20 13.45
C THR A 318 -11.81 -22.73 13.70
N GLY A 319 -12.79 -21.85 13.82
CA GLY A 319 -14.15 -22.30 14.08
C GLY A 319 -14.86 -22.87 12.85
N ASP A 320 -15.72 -23.85 13.11
CA ASP A 320 -16.70 -24.32 12.13
C ASP A 320 -17.96 -23.45 12.25
N PHE A 321 -18.30 -22.73 11.20
CA PHE A 321 -19.50 -21.88 11.21
C PHE A 321 -20.53 -22.27 10.17
N GLN A 322 -20.65 -23.56 9.89
CA GLN A 322 -21.37 -24.01 8.71
C GLN A 322 -22.83 -23.57 8.69
N ASP A 323 -23.52 -23.65 9.83
CA ASP A 323 -24.94 -23.34 9.83
C ASP A 323 -25.20 -22.05 10.59
N LEU A 324 -24.45 -21.03 10.21
CA LEU A 324 -24.59 -19.71 10.78
C LEU A 324 -24.85 -18.72 9.66
N GLN A 325 -25.89 -17.91 9.79
CA GLN A 325 -26.06 -16.77 8.89
C GLN A 325 -25.72 -15.50 9.63
N VAL A 326 -24.97 -14.63 8.97
CA VAL A 326 -24.48 -13.44 9.59
C VAL A 326 -24.65 -12.29 8.62
N LEU A 327 -24.97 -11.14 9.16
CA LEU A 327 -25.02 -9.90 8.41
C LEU A 327 -24.07 -8.95 9.13
N VAL A 328 -23.15 -8.34 8.40
CA VAL A 328 -22.12 -7.48 9.00
C VAL A 328 -21.91 -6.22 8.18
N GLY A 329 -21.49 -5.12 8.80
CA GLY A 329 -21.20 -3.94 8.03
C GLY A 329 -20.65 -2.77 8.79
N VAL A 330 -20.39 -1.70 8.05
CA VAL A 330 -19.70 -0.52 8.57
C VAL A 330 -20.43 0.72 8.08
N VAL A 331 -20.21 1.84 8.76
CA VAL A 331 -20.61 3.15 8.21
C VAL A 331 -19.44 3.78 7.47
N LYS A 332 -19.73 4.81 6.69
CA LYS A 332 -18.75 5.35 5.77
C LYS A 332 -17.54 5.94 6.52
N ASP A 333 -17.78 6.49 7.71
CA ASP A 333 -16.70 7.17 8.48
C ASP A 333 -16.54 6.71 9.93
N GLU A 334 -16.12 5.47 10.09
CA GLU A 334 -16.06 4.84 11.40
C GLU A 334 -15.19 5.62 12.37
N GLY A 335 -14.12 6.25 11.87
CA GLY A 335 -13.13 6.83 12.73
C GLY A 335 -13.29 8.27 13.18
N SER A 336 -14.04 9.06 12.42
CA SER A 336 -14.12 10.52 12.68
C SER A 336 -14.50 10.88 14.12
N TYR A 337 -15.52 10.19 14.64
CA TYR A 337 -16.08 10.45 15.97
C TYR A 337 -15.03 10.34 17.11
N PHE A 338 -14.18 9.34 17.03
CA PHE A 338 -13.19 9.15 18.09
C PHE A 338 -12.07 10.20 18.12
N LEU A 339 -11.82 10.91 17.02
CA LEU A 339 -10.71 11.87 17.02
C LEU A 339 -10.87 13.02 17.98
N VAL A 340 -12.10 13.49 18.21
CA VAL A 340 -12.30 14.67 19.07
C VAL A 340 -12.21 14.30 20.54
N TYR A 341 -12.03 13.01 20.82
CA TYR A 341 -11.90 12.55 22.20
C TYR A 341 -10.43 12.42 22.67
N GLY A 342 -9.48 12.97 21.93
CA GLY A 342 -8.11 12.93 22.39
C GLY A 342 -6.96 13.05 21.40
N VAL A 343 -7.24 13.28 20.12
CA VAL A 343 -6.16 13.63 19.20
C VAL A 343 -6.06 15.16 19.13
N PRO A 344 -4.92 15.71 19.58
CA PRO A 344 -4.77 17.17 19.50
C PRO A 344 -4.96 17.67 18.08
N GLY A 345 -5.58 18.83 17.94
CA GLY A 345 -5.93 19.41 16.66
C GLY A 345 -7.37 19.17 16.20
N PHE A 346 -8.07 18.19 16.79
CA PHE A 346 -9.47 17.87 16.40
C PHE A 346 -10.49 18.45 17.37
N SER A 347 -11.51 19.07 16.80
CA SER A 347 -12.64 19.59 17.56
C SER A 347 -13.92 19.39 16.76
N LYS A 348 -15.05 19.34 17.46
CA LYS A 348 -16.33 19.24 16.77
C LYS A 348 -16.70 20.64 16.29
N ASP A 349 -16.07 21.66 16.87
CA ASP A 349 -16.46 23.06 16.62
C ASP A 349 -15.59 23.79 15.61
N ASN A 350 -14.71 23.09 14.90
CA ASN A 350 -14.00 23.69 13.77
C ASN A 350 -13.70 22.59 12.74
N GLU A 351 -13.16 22.97 11.59
CA GLU A 351 -13.00 22.02 10.48
C GLU A 351 -11.91 20.99 10.72
N SER A 352 -11.14 21.19 11.78
CA SER A 352 -10.12 20.21 12.21
C SER A 352 -9.12 19.87 11.11
N LEU A 353 -8.73 20.87 10.31
CA LEU A 353 -7.60 20.68 9.41
C LEU A 353 -6.32 20.55 10.26
N ILE A 354 -5.44 19.63 9.90
CA ILE A 354 -4.27 19.39 10.73
C ILE A 354 -2.95 19.39 9.94
N SER A 355 -1.87 19.53 10.67
CA SER A 355 -0.55 19.51 10.09
C SER A 355 -0.02 18.10 9.99
N ARG A 356 1.08 17.94 9.26
CA ARG A 356 1.71 16.65 9.16
C ARG A 356 2.22 16.22 10.53
N ALA A 357 2.76 17.16 11.27
CA ALA A 357 3.20 16.83 12.62
C ALA A 357 2.03 16.34 13.49
N GLN A 358 0.85 16.94 13.36
CA GLN A 358 -0.28 16.49 14.16
C GLN A 358 -0.79 15.12 13.70
N PHE A 359 -0.62 14.81 12.43
CA PHE A 359 -0.96 13.51 11.91
C PHE A 359 -0.04 12.43 12.49
N LEU A 360 1.27 12.68 12.48
CA LEU A 360 2.21 11.71 13.02
C LEU A 360 1.90 11.49 14.49
N ALA A 361 1.67 12.58 15.21
CA ALA A 361 1.30 12.51 16.63
C ALA A 361 0.02 11.72 16.84
N GLY A 362 -1.00 12.00 16.03
CA GLY A 362 -2.31 11.35 16.13
C GLY A 362 -2.28 9.85 15.83
N VAL A 363 -1.39 9.45 14.91
CA VAL A 363 -1.26 8.04 14.60
C VAL A 363 -0.73 7.24 15.79
N ARG A 364 0.16 7.85 16.59
CA ARG A 364 0.59 7.20 17.84
C ARG A 364 -0.56 7.07 18.86
N ILE A 365 -1.46 8.05 18.91
CA ILE A 365 -2.55 7.99 19.87
C ILE A 365 -3.62 7.02 19.38
N GLY A 366 -3.84 7.02 18.08
CA GLY A 366 -4.88 6.21 17.48
C GLY A 366 -4.52 4.77 17.20
N VAL A 367 -3.23 4.47 17.25
CA VAL A 367 -2.77 3.10 17.16
C VAL A 367 -1.86 2.89 18.33
N PRO A 368 -2.44 2.91 19.54
CA PRO A 368 -1.58 3.08 20.72
C PRO A 368 -0.67 1.91 20.99
N GLN A 369 -0.92 0.76 20.38
CA GLN A 369 -0.04 -0.40 20.60
C GLN A 369 0.99 -0.58 19.52
N ALA A 370 1.02 0.30 18.53
CA ALA A 370 2.06 0.27 17.48
C ALA A 370 3.40 0.75 17.98
N SER A 371 4.40 -0.06 17.66
CA SER A 371 5.78 0.30 17.75
C SER A 371 6.14 1.41 16.78
N ASP A 372 7.35 1.90 16.92
CA ASP A 372 7.78 3.01 16.11
C ASP A 372 7.77 2.64 14.64
N LEU A 373 8.27 1.44 14.35
CA LEU A 373 8.29 0.97 12.98
C LEU A 373 6.89 0.70 12.43
N ALA A 374 5.99 0.18 13.26
CA ALA A 374 4.63 -0.09 12.83
C ALA A 374 3.94 1.23 12.52
N ALA A 375 4.12 2.21 13.40
CA ALA A 375 3.51 3.52 13.21
C ALA A 375 4.01 4.16 11.94
N GLU A 376 5.30 3.97 11.66
CA GLU A 376 5.94 4.48 10.47
C GLU A 376 5.27 3.87 9.25
N ALA A 377 5.07 2.55 9.25
CA ALA A 377 4.35 1.89 8.16
C ALA A 377 2.94 2.46 7.95
N VAL A 378 2.25 2.82 9.04
CA VAL A 378 0.89 3.36 8.96
C VAL A 378 0.90 4.70 8.27
N VAL A 379 1.75 5.58 8.79
CA VAL A 379 1.92 6.92 8.25
C VAL A 379 2.29 6.88 6.77
N LEU A 380 3.13 5.92 6.38
CA LEU A 380 3.56 5.86 4.98
C LEU A 380 2.45 5.33 4.08
N HIS A 381 1.66 4.38 4.58
CA HIS A 381 0.52 3.86 3.83
C HIS A 381 -0.56 4.92 3.61
N TYR A 382 -0.90 5.68 4.65
CA TYR A 382 -2.02 6.62 4.57
C TYR A 382 -1.66 8.02 4.07
N THR A 383 -0.37 8.34 4.02
CA THR A 383 0.08 9.61 3.42
C THR A 383 -0.23 9.60 1.94
N ASP A 384 -0.76 10.71 1.44
CA ASP A 384 -0.83 10.93 0.00
C ASP A 384 0.46 11.63 -0.49
N TRP A 385 1.32 10.91 -1.22
CA TRP A 385 2.64 11.44 -1.50
C TRP A 385 2.64 12.44 -2.64
N LEU A 386 1.51 12.62 -3.28
CA LEU A 386 1.36 13.78 -4.17
C LEU A 386 1.09 15.06 -3.38
N HIS A 387 0.58 14.90 -2.15
CA HIS A 387 0.15 16.04 -1.32
C HIS A 387 0.36 15.71 0.15
N PRO A 388 1.61 15.42 0.54
CA PRO A 388 1.88 14.89 1.88
C PRO A 388 1.59 15.87 3.00
N GLU A 389 1.36 17.12 2.62
CA GLU A 389 1.11 18.20 3.58
C GLU A 389 -0.31 18.81 3.56
N ASP A 390 -1.17 18.34 2.66
CA ASP A 390 -2.53 18.89 2.56
C ASP A 390 -3.30 18.62 3.87
N PRO A 391 -3.69 19.69 4.56
CA PRO A 391 -4.36 19.47 5.85
C PRO A 391 -5.74 18.83 5.74
N THR A 392 -6.43 18.94 4.60
CA THR A 392 -7.70 18.23 4.46
C THR A 392 -7.45 16.74 4.27
N HIS A 393 -6.49 16.37 3.42
CA HIS A 393 -6.21 14.96 3.24
C HIS A 393 -5.78 14.33 4.57
N LEU A 394 -4.93 15.03 5.32
CA LEU A 394 -4.41 14.51 6.57
C LEU A 394 -5.49 14.31 7.64
N ARG A 395 -6.41 15.26 7.74
CA ARG A 395 -7.52 15.13 8.67
C ARG A 395 -8.28 13.85 8.30
N ASP A 396 -8.59 13.68 7.03
CA ASP A 396 -9.39 12.54 6.60
C ASP A 396 -8.64 11.23 6.76
N ALA A 397 -7.33 11.31 6.66
CA ALA A 397 -6.51 10.12 6.75
C ALA A 397 -6.41 9.69 8.19
N MET A 398 -6.26 10.65 9.09
CA MET A 398 -6.34 10.37 10.51
C MET A 398 -7.63 9.62 10.82
N SER A 399 -8.74 10.11 10.28
CA SER A 399 -10.01 9.44 10.52
C SER A 399 -9.97 8.02 9.96
N ALA A 400 -9.43 7.86 8.76
CA ALA A 400 -9.41 6.51 8.14
C ALA A 400 -8.51 5.55 8.90
N VAL A 401 -7.36 6.02 9.34
CA VAL A 401 -6.51 5.19 10.18
C VAL A 401 -7.30 4.59 11.35
N VAL A 402 -7.97 5.43 12.11
CA VAL A 402 -8.63 5.00 13.33
C VAL A 402 -9.82 4.07 13.02
N GLY A 403 -10.62 4.44 12.01
CA GLY A 403 -11.71 3.60 11.52
C GLY A 403 -11.31 2.25 10.97
N ASP A 404 -10.26 2.23 10.14
CA ASP A 404 -9.78 0.99 9.52
C ASP A 404 -9.22 0.01 10.56
N HIS A 405 -8.43 0.54 11.49
CA HIS A 405 -7.75 -0.25 12.52
C HIS A 405 -8.79 -0.87 13.46
N ASN A 406 -9.77 -0.07 13.84
CA ASN A 406 -10.73 -0.48 14.87
C ASN A 406 -11.98 -1.18 14.36
N VAL A 407 -12.41 -0.93 13.14
CA VAL A 407 -13.69 -1.48 12.68
C VAL A 407 -13.64 -2.09 11.30
N VAL A 408 -13.31 -1.29 10.28
CA VAL A 408 -13.44 -1.76 8.93
C VAL A 408 -12.60 -3.01 8.67
N CYS A 409 -11.37 -3.07 9.17
CA CYS A 409 -10.53 -4.23 8.85
C CYS A 409 -10.80 -5.41 9.77
N PRO A 410 -11.13 -5.16 11.05
CA PRO A 410 -11.64 -6.29 11.85
C PRO A 410 -12.91 -6.93 11.24
N VAL A 411 -13.82 -6.09 10.77
CA VAL A 411 -15.01 -6.59 10.09
C VAL A 411 -14.65 -7.34 8.82
N ALA A 412 -13.68 -6.84 8.04
CA ALA A 412 -13.22 -7.59 6.86
C ALA A 412 -12.54 -8.93 7.22
N GLN A 413 -11.72 -8.98 8.27
CA GLN A 413 -11.19 -10.27 8.76
C GLN A 413 -12.34 -11.22 9.13
N LEU A 414 -13.27 -10.74 9.96
CA LEU A 414 -14.39 -11.59 10.42
C LEU A 414 -15.15 -12.13 9.19
N ALA A 415 -15.59 -11.23 8.33
CA ALA A 415 -16.35 -11.65 7.14
C ALA A 415 -15.59 -12.69 6.32
N GLY A 416 -14.28 -12.45 6.15
CA GLY A 416 -13.43 -13.36 5.44
C GLY A 416 -13.39 -14.77 6.04
N ARG A 417 -13.09 -14.84 7.32
CA ARG A 417 -13.00 -16.13 8.00
C ARG A 417 -14.34 -16.87 8.04
N LEU A 418 -15.42 -16.15 8.34
CA LEU A 418 -16.71 -16.82 8.43
C LEU A 418 -17.09 -17.37 7.06
N ALA A 419 -16.88 -16.57 6.02
CA ALA A 419 -17.23 -17.00 4.68
C ALA A 419 -16.43 -18.24 4.27
N ALA A 420 -15.14 -18.25 4.61
CA ALA A 420 -14.24 -19.34 4.22
C ALA A 420 -14.52 -20.60 5.02
N GLN A 421 -15.18 -20.43 6.17
CA GLN A 421 -15.38 -21.53 7.10
C GLN A 421 -16.85 -21.87 7.31
N GLY A 422 -17.64 -21.62 6.25
CA GLY A 422 -18.95 -22.23 6.12
C GLY A 422 -20.18 -21.36 6.31
N ALA A 423 -20.02 -20.13 6.79
CA ALA A 423 -21.18 -19.28 7.10
C ALA A 423 -21.77 -18.63 5.85
N ARG A 424 -23.06 -18.32 5.89
CA ARG A 424 -23.64 -17.42 4.90
C ARG A 424 -23.39 -16.04 5.46
N VAL A 425 -22.70 -15.18 4.71
CA VAL A 425 -22.36 -13.84 5.17
C VAL A 425 -22.96 -12.82 4.21
N TYR A 426 -23.50 -11.73 4.76
CA TYR A 426 -23.97 -10.59 3.97
C TYR A 426 -23.28 -9.37 4.53
N ALA A 427 -22.74 -8.53 3.65
CA ALA A 427 -21.95 -7.38 4.10
C ALA A 427 -22.49 -6.08 3.50
N TYR A 428 -22.45 -4.99 4.26
CA TYR A 428 -22.85 -3.67 3.77
C TYR A 428 -21.88 -2.58 4.19
N ILE A 429 -21.94 -1.47 3.48
CA ILE A 429 -21.44 -0.22 3.98
C ILE A 429 -22.57 0.78 3.93
N PHE A 430 -22.76 1.52 5.02
CA PHE A 430 -23.88 2.45 5.17
C PHE A 430 -23.36 3.88 4.94
N GLU A 431 -23.88 4.56 3.92
CA GLU A 431 -23.28 5.80 3.41
C GLU A 431 -24.19 7.02 3.51
N HIS A 432 -25.29 6.90 4.23
CA HIS A 432 -26.19 8.03 4.33
C HIS A 432 -26.05 8.79 5.66
N ARG A 433 -25.78 10.10 5.55
CA ARG A 433 -25.68 10.99 6.70
C ARG A 433 -27.04 11.58 7.05
N ALA A 434 -27.47 11.38 8.30
CA ALA A 434 -28.79 11.84 8.72
C ALA A 434 -28.89 13.34 8.52
N SER A 435 -29.95 13.78 7.87
CA SER A 435 -30.18 15.21 7.72
C SER A 435 -30.26 15.93 9.07
N THR A 436 -30.45 15.18 10.14
CA THR A 436 -30.58 15.73 11.49
C THR A 436 -29.29 15.73 12.34
N LEU A 437 -28.21 15.17 11.81
CA LEU A 437 -26.96 15.08 12.57
C LEU A 437 -26.44 16.45 13.04
N THR A 438 -26.00 16.50 14.30
CA THR A 438 -25.47 17.72 14.94
C THR A 438 -23.93 17.72 15.07
N TRP A 439 -23.30 16.57 14.85
CA TRP A 439 -21.84 16.52 14.67
C TRP A 439 -21.49 17.25 13.37
N PRO A 440 -20.29 17.86 13.28
CA PRO A 440 -19.95 18.66 12.07
C PRO A 440 -19.92 17.81 10.79
N LEU A 441 -20.02 18.45 9.63
CA LEU A 441 -20.01 17.73 8.36
C LEU A 441 -18.72 16.97 8.11
N TRP A 442 -17.58 17.42 8.64
CA TRP A 442 -16.32 16.81 8.22
C TRP A 442 -16.32 15.36 8.73
N MET A 443 -17.12 15.07 9.76
CA MET A 443 -17.18 13.70 10.34
C MET A 443 -17.96 12.69 9.47
N GLY A 444 -18.61 13.15 8.42
CA GLY A 444 -19.23 12.27 7.45
C GLY A 444 -20.43 11.51 8.01
N VAL A 445 -20.45 10.20 7.80
CA VAL A 445 -21.39 9.28 8.46
C VAL A 445 -20.67 8.64 9.62
N PRO A 446 -20.81 9.18 10.83
CA PRO A 446 -19.97 8.69 11.92
C PRO A 446 -20.49 7.39 12.55
N HIS A 447 -19.65 6.81 13.39
CA HIS A 447 -19.94 5.61 14.15
C HIS A 447 -21.26 5.78 14.91
N GLY A 448 -22.20 4.84 14.76
CA GLY A 448 -23.44 4.87 15.51
C GLY A 448 -24.65 5.44 14.77
N TYR A 449 -24.45 6.09 13.63
CA TYR A 449 -25.52 6.89 13.03
C TYR A 449 -26.27 6.20 11.90
N GLU A 450 -26.09 4.89 11.81
CA GLU A 450 -27.02 4.06 11.05
C GLU A 450 -28.18 3.57 11.95
N ILE A 451 -27.97 3.53 13.26
CA ILE A 451 -28.89 2.81 14.12
C ILE A 451 -30.33 3.35 14.02
N GLU A 452 -30.49 4.67 14.06
CA GLU A 452 -31.80 5.31 14.04
C GLU A 452 -32.60 4.95 12.77
N PHE A 453 -31.90 4.55 11.72
CA PHE A 453 -32.55 4.16 10.47
C PHE A 453 -33.01 2.69 10.50
N ILE A 454 -32.18 1.82 11.08
CA ILE A 454 -32.54 0.42 11.25
C ILE A 454 -33.80 0.29 12.16
N PHE A 455 -33.87 1.04 13.25
CA PHE A 455 -35.01 0.96 14.16
C PHE A 455 -36.22 1.75 13.65
N GLY A 456 -36.05 2.49 12.56
CA GLY A 456 -37.17 3.14 11.90
C GLY A 456 -37.63 4.46 12.49
N LEU A 457 -36.79 5.14 13.26
CA LEU A 457 -37.15 6.47 13.78
C LEU A 457 -37.64 7.46 12.73
N PRO A 458 -37.09 7.41 11.51
CA PRO A 458 -37.60 8.40 10.58
C PRO A 458 -39.10 8.30 10.29
N LEU A 459 -39.77 7.22 10.71
CA LEU A 459 -41.22 7.07 10.49
C LEU A 459 -42.08 7.89 11.45
N ASP A 460 -41.42 8.44 12.46
CA ASP A 460 -42.06 9.35 13.40
C ASP A 460 -42.04 10.78 12.84
N PRO A 461 -43.18 11.26 12.34
CA PRO A 461 -43.12 12.54 11.60
C PRO A 461 -42.57 13.66 12.47
N SER A 462 -42.82 13.56 13.77
CA SER A 462 -42.35 14.57 14.71
C SER A 462 -40.80 14.69 14.83
N LEU A 463 -40.03 13.83 14.15
CA LEU A 463 -38.56 13.93 14.23
C LEU A 463 -37.91 14.67 13.04
N ASN A 464 -38.72 15.17 12.11
CA ASN A 464 -38.20 16.07 11.07
C ASN A 464 -37.17 15.45 10.12
N TYR A 465 -37.16 14.13 9.99
CA TYR A 465 -36.44 13.46 8.89
C TYR A 465 -37.14 13.76 7.58
N THR A 466 -36.44 13.62 6.45
CA THR A 466 -37.04 13.83 5.14
C THR A 466 -37.87 12.63 4.71
N THR A 467 -38.65 12.82 3.65
CA THR A 467 -39.43 11.74 3.09
C THR A 467 -38.52 10.64 2.54
N GLU A 468 -37.45 11.02 1.88
CA GLU A 468 -36.47 10.06 1.36
C GLU A 468 -35.92 9.23 2.51
N GLU A 469 -35.70 9.86 3.66
CA GLU A 469 -35.18 9.15 4.82
C GLU A 469 -36.21 8.20 5.43
N ARG A 470 -37.50 8.55 5.36
CA ARG A 470 -38.57 7.65 5.81
C ARG A 470 -38.66 6.43 4.88
N ILE A 471 -38.63 6.65 3.57
CA ILE A 471 -38.61 5.55 2.59
C ILE A 471 -37.38 4.64 2.81
N PHE A 472 -36.25 5.27 3.09
CA PHE A 472 -34.98 4.59 3.30
C PHE A 472 -35.04 3.71 4.54
N ALA A 473 -35.55 4.26 5.64
CA ALA A 473 -35.66 3.51 6.89
C ALA A 473 -36.53 2.25 6.69
N GLN A 474 -37.57 2.38 5.88
CA GLN A 474 -38.47 1.27 5.60
C GLN A 474 -37.75 0.18 4.82
N ARG A 475 -36.97 0.54 3.80
CA ARG A 475 -36.12 -0.42 3.09
C ARG A 475 -35.22 -1.22 4.05
N LEU A 476 -34.55 -0.50 4.94
CA LEU A 476 -33.65 -1.10 5.92
C LEU A 476 -34.36 -2.00 6.92
N MET A 477 -35.51 -1.54 7.45
CA MET A 477 -36.26 -2.35 8.40
C MET A 477 -36.63 -3.67 7.71
N LYS A 478 -36.87 -3.62 6.40
CA LYS A 478 -37.19 -4.82 5.66
C LYS A 478 -35.99 -5.75 5.51
N TYR A 479 -34.82 -5.21 5.17
CA TYR A 479 -33.61 -6.05 5.04
C TYR A 479 -33.35 -6.83 6.32
N TRP A 480 -33.32 -6.08 7.42
CA TRP A 480 -33.00 -6.63 8.74
C TRP A 480 -34.02 -7.70 9.16
N THR A 481 -35.32 -7.42 8.99
CA THR A 481 -36.36 -8.37 9.44
C THR A 481 -36.47 -9.55 8.46
N ASN A 482 -36.27 -9.32 7.17
CA ASN A 482 -36.18 -10.46 6.22
C ASN A 482 -35.01 -11.38 6.62
N PHE A 483 -33.87 -10.75 6.98
CA PHE A 483 -32.70 -11.51 7.42
C PHE A 483 -33.09 -12.32 8.67
N ALA A 484 -33.73 -11.67 9.64
CA ALA A 484 -34.14 -12.37 10.87
C ALA A 484 -35.08 -13.54 10.58
N ARG A 485 -35.97 -13.39 9.60
CA ARG A 485 -36.93 -14.46 9.28
C ARG A 485 -36.30 -15.64 8.52
N THR A 486 -35.37 -15.35 7.60
CA THR A 486 -34.97 -16.32 6.59
C THR A 486 -33.46 -16.55 6.47
N GLY A 487 -32.70 -15.69 7.14
CA GLY A 487 -31.25 -15.68 6.95
C GLY A 487 -30.82 -15.05 5.63
N ASP A 488 -31.72 -14.28 5.03
CA ASP A 488 -31.52 -13.68 3.71
C ASP A 488 -32.19 -12.29 3.72
N PRO A 489 -31.42 -11.21 3.57
CA PRO A 489 -32.05 -9.88 3.61
C PRO A 489 -32.95 -9.58 2.41
N ASN A 490 -32.89 -10.40 1.36
CA ASN A 490 -33.59 -10.10 0.12
C ASN A 490 -35.06 -10.39 0.27
N ASP A 491 -35.86 -9.58 -0.41
CA ASP A 491 -37.31 -9.70 -0.37
C ASP A 491 -37.73 -10.77 -1.38
N PRO A 492 -38.43 -11.82 -0.92
CA PRO A 492 -38.73 -12.90 -1.88
C PRO A 492 -39.81 -12.53 -2.90
N ARG A 493 -40.51 -11.43 -2.66
CA ARG A 493 -41.58 -10.97 -3.55
C ARG A 493 -41.09 -9.90 -4.54
N ASP A 494 -40.24 -8.99 -4.06
CA ASP A 494 -39.64 -7.96 -4.91
C ASP A 494 -38.44 -8.49 -5.65
N SER A 495 -38.68 -9.49 -6.51
CA SER A 495 -37.63 -10.08 -7.32
C SER A 495 -37.05 -9.04 -8.28
N LYS A 496 -37.83 -7.98 -8.53
CA LYS A 496 -37.40 -6.88 -9.40
C LYS A 496 -36.22 -6.07 -8.83
N SER A 497 -36.36 -5.61 -7.58
CA SER A 497 -35.34 -4.79 -6.92
C SER A 497 -33.97 -5.45 -6.96
N PRO A 498 -32.89 -4.66 -6.97
CA PRO A 498 -31.55 -5.25 -7.09
C PRO A 498 -31.27 -6.20 -5.93
N GLN A 499 -30.61 -7.32 -6.18
CA GLN A 499 -30.36 -8.32 -5.13
C GLN A 499 -29.09 -8.05 -4.35
N TRP A 500 -29.06 -8.56 -3.12
CA TRP A 500 -27.95 -8.43 -2.20
C TRP A 500 -27.25 -9.78 -2.20
N PRO A 501 -26.08 -9.89 -2.88
CA PRO A 501 -25.38 -11.18 -2.93
C PRO A 501 -24.67 -11.47 -1.63
N PRO A 502 -24.45 -12.75 -1.32
CA PRO A 502 -23.60 -13.08 -0.16
C PRO A 502 -22.13 -12.67 -0.36
N TYR A 503 -21.48 -12.23 0.71
CA TYR A 503 -20.05 -12.02 0.69
C TYR A 503 -19.38 -13.37 0.61
N THR A 504 -18.44 -13.51 -0.32
CA THR A 504 -17.68 -14.74 -0.54
C THR A 504 -16.21 -14.39 -0.71
N THR A 505 -15.33 -15.34 -0.48
CA THR A 505 -13.92 -15.06 -0.52
C THR A 505 -13.46 -14.81 -1.95
N ALA A 506 -14.12 -15.47 -2.91
CA ALA A 506 -13.79 -15.34 -4.33
C ALA A 506 -14.22 -14.02 -4.96
N ALA A 507 -15.33 -13.45 -4.51
CA ALA A 507 -15.92 -12.27 -5.17
C ALA A 507 -16.05 -11.09 -4.23
N GLN A 508 -16.03 -11.38 -2.94
CA GLN A 508 -15.95 -10.34 -1.93
C GLN A 508 -16.99 -9.25 -2.11
N GLN A 509 -18.20 -9.62 -2.50
CA GLN A 509 -19.27 -8.64 -2.72
C GLN A 509 -19.96 -8.15 -1.46
N TYR A 510 -20.22 -6.84 -1.43
CA TYR A 510 -21.01 -6.18 -0.38
C TYR A 510 -21.86 -5.12 -1.05
N VAL A 511 -22.80 -4.52 -0.32
CA VAL A 511 -23.64 -3.49 -0.91
C VAL A 511 -23.54 -2.16 -0.21
N SER A 512 -23.82 -1.10 -0.96
CA SER A 512 -23.99 0.23 -0.36
C SER A 512 -25.43 0.45 0.09
N LEU A 513 -25.59 0.84 1.35
CA LEU A 513 -26.87 1.28 1.87
C LEU A 513 -26.92 2.82 1.88
N ASN A 514 -27.70 3.37 0.95
CA ASN A 514 -27.97 4.82 0.91
C ASN A 514 -29.31 5.10 0.24
N LEU A 515 -29.58 6.36 -0.11
CA LEU A 515 -30.90 6.75 -0.61
C LEU A 515 -31.18 6.18 -1.98
N LYS A 516 -30.12 5.80 -2.68
CA LYS A 516 -30.19 5.17 -4.00
C LYS A 516 -30.39 3.66 -3.89
N PRO A 517 -30.84 3.01 -4.97
CA PRO A 517 -31.00 1.55 -4.91
C PRO A 517 -29.68 0.84 -4.59
N LEU A 518 -29.78 -0.39 -4.07
CA LEU A 518 -28.61 -1.19 -3.79
C LEU A 518 -27.61 -1.24 -4.94
N GLU A 519 -26.36 -1.07 -4.58
CA GLU A 519 -25.27 -1.20 -5.53
C GLU A 519 -24.33 -2.25 -4.96
N VAL A 520 -23.92 -3.21 -5.79
CA VAL A 520 -22.98 -4.23 -5.36
C VAL A 520 -21.54 -3.78 -5.65
N ARG A 521 -20.66 -3.85 -4.65
CA ARG A 521 -19.25 -3.52 -4.78
C ARG A 521 -18.42 -4.73 -4.39
N ARG A 522 -17.16 -4.73 -4.83
CA ARG A 522 -16.22 -5.81 -4.60
C ARG A 522 -15.02 -5.35 -3.74
N GLY A 523 -14.74 -6.12 -2.70
CA GLY A 523 -13.57 -5.90 -1.88
C GLY A 523 -13.79 -4.90 -0.77
N LEU A 524 -13.77 -5.42 0.46
CA LEU A 524 -13.90 -4.59 1.63
C LEU A 524 -12.56 -3.97 2.01
N ARG A 525 -12.32 -2.77 1.48
CA ARG A 525 -11.05 -2.05 1.67
C ARG A 525 -9.91 -3.06 1.54
N ALA A 526 -9.94 -3.84 0.47
CA ALA A 526 -9.10 -5.00 0.34
C ALA A 526 -7.58 -4.72 0.44
N GLN A 527 -7.02 -3.75 -0.30
CA GLN A 527 -5.56 -3.52 -0.18
C GLN A 527 -5.21 -3.06 1.21
N THR A 528 -5.88 -2.01 1.67
CA THR A 528 -5.59 -1.46 2.98
C THR A 528 -5.74 -2.51 4.09
N CYS A 529 -6.77 -3.35 4.03
CA CYS A 529 -6.95 -4.30 5.12
C CYS A 529 -5.95 -5.44 5.04
N ALA A 530 -5.37 -5.66 3.85
CA ALA A 530 -4.24 -6.59 3.74
C ALA A 530 -3.07 -6.10 4.61
N PHE A 531 -2.84 -4.79 4.57
CA PHE A 531 -1.82 -4.17 5.42
C PHE A 531 -2.11 -4.41 6.91
N TRP A 532 -3.30 -4.01 7.36
CA TRP A 532 -3.68 -4.19 8.78
C TRP A 532 -3.73 -5.64 9.18
N ASN A 533 -4.29 -6.48 8.32
CA ASN A 533 -4.66 -7.84 8.73
C ASN A 533 -3.59 -8.90 8.48
N ARG A 534 -2.73 -8.68 7.47
CA ARG A 534 -1.70 -9.64 7.09
C ARG A 534 -0.28 -9.16 7.35
N PHE A 535 0.01 -7.91 7.01
CA PHE A 535 1.40 -7.45 7.19
C PHE A 535 1.68 -6.99 8.60
N LEU A 536 0.83 -6.13 9.16
CA LEU A 536 1.17 -5.48 10.41
C LEU A 536 1.46 -6.46 11.52
N PRO A 537 0.71 -7.57 11.57
CA PRO A 537 0.98 -8.63 12.54
C PRO A 537 2.35 -9.29 12.34
N LYS A 538 2.69 -9.63 11.10
CA LYS A 538 4.01 -10.22 10.79
C LYS A 538 5.14 -9.31 11.25
N LEU A 539 4.85 -8.02 11.36
CA LEU A 539 5.83 -7.05 11.86
C LEU A 539 6.00 -7.21 13.35
N LEU A 540 4.86 -7.23 14.06
CA LEU A 540 4.82 -7.41 15.52
C LEU A 540 5.80 -8.49 16.02
N SER A 541 5.89 -9.60 15.30
CA SER A 541 6.87 -10.65 15.61
C SER A 541 8.32 -10.14 15.39
N GLU B 4 40.63 12.90 -52.99
CA GLU B 4 40.15 12.74 -51.63
C GLU B 4 39.15 13.88 -51.28
N ASP B 5 38.12 13.57 -50.49
CA ASP B 5 37.11 14.55 -50.08
C ASP B 5 37.62 15.37 -48.88
N PRO B 6 37.79 16.69 -49.04
CA PRO B 6 38.19 17.51 -47.88
C PRO B 6 37.29 17.33 -46.69
N GLN B 7 35.97 17.27 -46.90
CA GLN B 7 35.03 17.04 -45.80
C GLN B 7 35.40 15.86 -44.94
N LEU B 8 35.98 14.83 -45.56
CA LEU B 8 36.27 13.59 -44.85
C LEU B 8 37.67 13.57 -44.25
N LEU B 9 38.39 14.67 -44.37
CA LEU B 9 39.75 14.74 -43.83
C LEU B 9 39.76 15.68 -42.64
N VAL B 10 40.18 15.16 -41.50
CA VAL B 10 40.19 15.93 -40.29
C VAL B 10 41.48 15.67 -39.55
N ARG B 11 42.04 16.73 -39.00
CA ARG B 11 43.21 16.65 -38.13
C ARG B 11 42.80 16.93 -36.67
N VAL B 12 43.00 15.90 -35.85
CA VAL B 12 42.81 15.96 -34.41
C VAL B 12 44.20 15.98 -33.76
N ARG B 13 44.30 16.11 -32.44
CA ARG B 13 45.63 16.24 -31.84
C ARG B 13 46.56 15.07 -32.12
N GLY B 14 46.03 13.87 -32.35
CA GLY B 14 46.87 12.70 -32.54
C GLY B 14 47.40 12.56 -33.95
N GLY B 15 46.74 13.21 -34.91
CA GLY B 15 47.12 13.11 -36.32
C GLY B 15 45.91 13.24 -37.24
N GLN B 16 46.10 12.87 -38.50
CA GLN B 16 45.04 12.98 -39.50
C GLN B 16 44.16 11.75 -39.49
N LEU B 17 42.86 11.94 -39.73
CA LEU B 17 41.90 10.86 -39.90
C LEU B 17 41.20 11.01 -41.22
N ARG B 18 40.84 9.90 -41.86
CA ARG B 18 39.87 9.89 -42.95
C ARG B 18 38.56 9.20 -42.58
N GLY B 19 37.45 9.92 -42.69
CA GLY B 19 36.15 9.33 -42.47
C GLY B 19 35.48 8.92 -43.77
N ILE B 20 34.16 8.85 -43.72
CA ILE B 20 33.40 8.31 -44.84
C ILE B 20 32.02 8.94 -44.97
N ARG B 21 31.63 9.25 -46.20
CA ARG B 21 30.31 9.80 -46.47
C ARG B 21 29.31 8.66 -46.37
N LEU B 22 28.33 8.81 -45.48
CA LEU B 22 27.26 7.83 -45.31
C LEU B 22 25.97 8.39 -45.81
N LYS B 23 25.09 7.48 -46.23
CA LYS B 23 23.78 7.85 -46.73
C LYS B 23 22.78 7.79 -45.59
N ALA B 24 22.10 8.90 -45.33
CA ALA B 24 20.91 8.88 -44.52
C ALA B 24 19.75 9.23 -45.44
N PRO B 25 18.51 8.99 -45.00
CA PRO B 25 17.36 9.15 -45.90
C PRO B 25 17.23 10.55 -46.51
N GLY B 26 17.60 11.57 -45.75
CA GLY B 26 17.43 12.94 -46.21
C GLY B 26 18.64 13.56 -46.89
N GLY B 27 19.76 12.85 -46.87
CA GLY B 27 21.00 13.29 -47.51
C GLY B 27 22.18 12.67 -46.80
N PRO B 28 23.40 13.14 -47.13
CA PRO B 28 24.61 12.51 -46.58
C PRO B 28 25.05 13.03 -45.20
N VAL B 29 25.88 12.24 -44.53
CA VAL B 29 26.52 12.63 -43.29
C VAL B 29 27.99 12.22 -43.39
N SER B 30 28.85 12.89 -42.64
CA SER B 30 30.24 12.50 -42.52
C SER B 30 30.37 11.65 -41.25
N ALA B 31 30.93 10.44 -41.39
CA ALA B 31 31.11 9.55 -40.25
C ALA B 31 32.59 9.18 -40.09
N PHE B 32 33.07 9.31 -38.87
CA PHE B 32 34.44 8.97 -38.53
C PHE B 32 34.38 7.90 -37.45
N LEU B 33 34.65 6.66 -37.85
CA LEU B 33 34.45 5.49 -37.04
C LEU B 33 35.77 4.85 -36.64
N GLY B 34 35.83 4.28 -35.42
CA GLY B 34 36.98 3.55 -34.94
C GLY B 34 38.19 4.44 -34.66
N ILE B 35 37.95 5.66 -34.20
CA ILE B 35 39.03 6.56 -33.80
C ILE B 35 39.58 6.13 -32.44
N PRO B 36 40.89 5.93 -32.35
CA PRO B 36 41.45 5.52 -31.06
C PRO B 36 41.56 6.66 -30.06
N PHE B 37 41.14 6.45 -28.82
CA PHE B 37 41.28 7.50 -27.81
C PHE B 37 42.16 7.10 -26.63
N ALA B 38 42.59 5.85 -26.61
CA ALA B 38 43.43 5.31 -25.54
C ALA B 38 44.45 4.34 -26.12
N GLU B 39 45.58 4.18 -25.43
CA GLU B 39 46.46 3.05 -25.66
C GLU B 39 45.69 1.77 -25.41
N PRO B 40 45.74 0.80 -26.33
CA PRO B 40 45.05 -0.49 -26.11
C PRO B 40 45.35 -1.12 -24.74
N PRO B 41 44.31 -1.35 -23.90
CA PRO B 41 44.50 -1.78 -22.51
C PRO B 41 44.77 -3.28 -22.42
N VAL B 42 45.86 -3.70 -23.04
CA VAL B 42 46.19 -5.12 -23.16
C VAL B 42 47.43 -5.52 -22.37
N GLY B 43 47.57 -6.81 -22.17
CA GLY B 43 48.67 -7.36 -21.43
C GLY B 43 48.71 -6.85 -20.00
N SER B 44 49.73 -6.08 -19.72
CA SER B 44 49.97 -5.63 -18.36
C SER B 44 48.99 -4.50 -18.02
N ARG B 45 48.31 -3.97 -19.04
N ARG B 45 48.33 -3.96 -19.04
CA ARG B 45 47.36 -2.88 -18.82
CA ARG B 45 47.35 -2.87 -18.87
C ARG B 45 45.93 -3.38 -18.60
C ARG B 45 45.96 -3.39 -18.51
N ARG B 46 45.76 -4.70 -18.50
CA ARG B 46 44.44 -5.24 -18.14
C ARG B 46 44.14 -4.82 -16.72
N PHE B 47 42.92 -4.29 -16.53
CA PHE B 47 42.42 -3.79 -15.23
C PHE B 47 42.99 -2.43 -14.85
N MET B 48 43.85 -1.86 -15.68
CA MET B 48 44.47 -0.60 -15.34
C MET B 48 43.71 0.56 -15.96
N PRO B 49 43.83 1.75 -15.34
CA PRO B 49 43.25 2.94 -15.93
C PRO B 49 43.75 3.11 -17.35
N PRO B 50 42.93 3.73 -18.23
CA PRO B 50 43.33 4.00 -19.60
C PRO B 50 44.44 5.05 -19.69
N GLU B 51 45.32 4.92 -20.67
CA GLU B 51 46.28 5.99 -20.98
C GLU B 51 45.93 6.59 -22.33
N PRO B 52 46.21 7.89 -22.51
CA PRO B 52 45.96 8.58 -23.78
C PRO B 52 46.69 7.95 -24.97
N LYS B 53 46.01 7.91 -26.11
CA LYS B 53 46.56 7.34 -27.36
C LYS B 53 47.77 8.14 -27.88
N ARG B 54 48.85 7.44 -28.22
CA ARG B 54 50.00 8.12 -28.79
C ARG B 54 49.67 8.62 -30.19
N PRO B 55 50.15 9.81 -30.53
CA PRO B 55 50.11 10.34 -31.90
C PRO B 55 50.51 9.33 -32.96
N TRP B 56 49.96 9.42 -34.15
CA TRP B 56 50.25 8.47 -35.23
C TRP B 56 50.61 9.19 -36.52
N SER B 57 51.25 8.45 -37.43
CA SER B 57 51.73 9.02 -38.69
C SER B 57 50.72 8.88 -39.80
N GLY B 58 50.91 9.63 -40.89
CA GLY B 58 50.04 9.50 -42.05
C GLY B 58 48.57 9.72 -41.71
N VAL B 59 47.71 9.14 -42.55
CA VAL B 59 46.25 9.26 -42.42
C VAL B 59 45.63 7.96 -41.89
N LEU B 60 45.06 8.03 -40.69
CA LEU B 60 44.44 6.88 -40.05
C LEU B 60 43.06 6.65 -40.61
N ASP B 61 42.82 5.44 -41.08
CA ASP B 61 41.53 5.12 -41.63
C ASP B 61 40.47 5.09 -40.51
N ALA B 62 39.43 5.90 -40.67
CA ALA B 62 38.34 5.98 -39.69
C ALA B 62 37.00 5.80 -40.42
N THR B 63 36.98 4.83 -41.33
CA THR B 63 35.84 4.60 -42.17
C THR B 63 35.08 3.37 -41.72
N THR B 64 35.53 2.73 -40.64
CA THR B 64 34.95 1.48 -40.20
C THR B 64 34.95 1.34 -38.66
N PHE B 65 33.89 0.71 -38.11
CA PHE B 65 33.82 0.45 -36.67
C PHE B 65 34.94 -0.46 -36.27
N GLN B 66 35.47 -0.21 -35.09
CA GLN B 66 36.50 -1.04 -34.49
C GLN B 66 35.94 -2.20 -33.67
N ASN B 67 36.83 -2.97 -33.05
CA ASN B 67 36.37 -4.14 -32.32
C ASN B 67 35.58 -3.80 -31.08
N VAL B 68 34.79 -4.77 -30.64
CA VAL B 68 33.95 -4.67 -29.46
C VAL B 68 34.75 -5.16 -28.26
N CYS B 69 34.64 -4.46 -27.13
CA CYS B 69 35.33 -4.87 -25.92
C CYS B 69 34.90 -6.28 -25.53
N TYR B 70 35.82 -7.05 -24.95
CA TYR B 70 35.57 -8.46 -24.73
C TYR B 70 34.43 -8.64 -23.74
N GLN B 71 33.49 -9.52 -24.11
CA GLN B 71 32.25 -9.72 -23.33
C GLN B 71 31.48 -10.98 -23.65
N TYR B 72 30.56 -11.29 -22.75
CA TYR B 72 29.54 -12.30 -22.97
C TYR B 72 28.84 -12.09 -24.31
N VAL B 73 28.56 -13.19 -25.01
CA VAL B 73 27.80 -13.18 -26.26
C VAL B 73 26.64 -14.15 -26.07
N ASP B 74 25.40 -13.70 -26.30
CA ASP B 74 24.24 -14.56 -26.05
C ASP B 74 24.06 -15.54 -27.21
N THR B 75 23.97 -16.83 -26.89
CA THR B 75 23.79 -17.86 -27.92
C THR B 75 22.55 -18.71 -27.71
N LEU B 76 21.76 -18.38 -26.69
CA LEU B 76 20.66 -19.26 -26.31
C LEU B 76 19.65 -19.42 -27.46
N TYR B 77 19.38 -18.33 -28.16
CA TYR B 77 18.37 -18.29 -29.20
C TYR B 77 18.94 -17.83 -30.53
N PRO B 78 19.56 -18.75 -31.28
CA PRO B 78 20.20 -18.36 -32.53
C PRO B 78 19.23 -17.65 -33.48
N GLY B 79 19.59 -16.46 -33.94
CA GLY B 79 18.78 -15.76 -34.91
C GLY B 79 17.63 -14.96 -34.32
N PHE B 80 17.43 -15.05 -33.01
CA PHE B 80 16.39 -14.25 -32.36
C PHE B 80 16.82 -12.79 -32.24
N GLU B 81 16.12 -11.92 -32.97
CA GLU B 81 16.43 -10.50 -32.99
C GLU B 81 16.42 -9.90 -31.58
N GLY B 82 15.50 -10.32 -30.73
CA GLY B 82 15.38 -9.74 -29.41
C GLY B 82 16.63 -9.86 -28.58
N THR B 83 17.43 -10.89 -28.83
CA THR B 83 18.70 -11.02 -28.14
C THR B 83 19.85 -10.52 -29.02
N GLU B 84 19.80 -10.84 -30.31
CA GLU B 84 20.97 -10.66 -31.16
C GLU B 84 21.23 -9.18 -31.37
N MET B 85 20.17 -8.38 -31.36
CA MET B 85 20.32 -6.94 -31.58
C MET B 85 21.21 -6.28 -30.53
N TRP B 86 21.43 -6.95 -29.40
CA TRP B 86 22.29 -6.44 -28.34
C TRP B 86 23.69 -7.09 -28.35
N ASN B 87 23.85 -8.12 -29.17
CA ASN B 87 25.13 -8.84 -29.26
C ASN B 87 26.20 -8.08 -30.07
N PRO B 88 27.48 -8.35 -29.79
CA PRO B 88 28.59 -7.75 -30.54
C PRO B 88 28.39 -7.90 -32.03
N ASN B 89 28.47 -6.81 -32.80
CA ASN B 89 28.36 -6.89 -34.26
C ASN B 89 29.72 -6.67 -34.96
N ARG B 90 30.80 -6.68 -34.18
CA ARG B 90 32.17 -6.81 -34.72
C ARG B 90 32.95 -7.80 -33.85
N GLU B 91 34.16 -8.11 -34.27
CA GLU B 91 35.00 -9.04 -33.54
C GLU B 91 35.28 -8.53 -32.14
N LEU B 92 35.45 -9.47 -31.20
CA LEU B 92 35.77 -9.14 -29.84
C LEU B 92 37.27 -8.92 -29.72
N SER B 93 37.65 -8.03 -28.82
CA SER B 93 39.05 -7.84 -28.51
C SER B 93 39.20 -6.98 -27.29
N GLU B 94 40.26 -7.21 -26.52
CA GLU B 94 40.61 -6.30 -25.44
C GLU B 94 41.12 -4.97 -25.99
N ASP B 95 41.59 -4.97 -27.23
CA ASP B 95 41.96 -3.75 -27.90
C ASP B 95 40.68 -3.16 -28.48
N CYS B 96 39.98 -2.33 -27.71
CA CYS B 96 38.63 -1.91 -28.08
C CYS B 96 38.30 -0.47 -27.77
N LEU B 97 39.28 0.32 -27.34
CA LEU B 97 38.97 1.67 -26.88
C LEU B 97 38.99 2.65 -28.04
N TYR B 98 37.86 2.70 -28.77
CA TYR B 98 37.72 3.59 -29.91
C TYR B 98 36.42 4.34 -29.76
N LEU B 99 36.29 5.48 -30.42
CA LEU B 99 35.05 6.23 -30.40
C LEU B 99 34.65 6.57 -31.84
N ASN B 100 33.41 7.02 -31.97
CA ASN B 100 32.81 7.32 -33.27
C ASN B 100 32.20 8.71 -33.26
N VAL B 101 32.27 9.38 -34.40
CA VAL B 101 31.72 10.72 -34.54
C VAL B 101 30.90 10.77 -35.83
N TRP B 102 29.65 11.20 -35.72
CA TRP B 102 28.85 11.56 -36.88
C TRP B 102 28.65 13.06 -36.90
N THR B 103 28.72 13.66 -38.07
CA THR B 103 28.35 15.05 -38.25
C THR B 103 27.57 15.17 -39.54
N PRO B 104 26.91 16.31 -39.75
CA PRO B 104 26.34 16.67 -41.05
C PRO B 104 27.39 16.72 -42.15
N TYR B 105 26.95 16.51 -43.37
CA TYR B 105 27.76 16.66 -44.55
C TYR B 105 27.09 17.72 -45.42
N PRO B 106 27.76 18.86 -45.64
CA PRO B 106 29.13 19.21 -45.23
C PRO B 106 29.24 19.50 -43.74
N ARG B 107 30.44 19.42 -43.18
CA ARG B 107 30.70 19.80 -41.79
C ARG B 107 29.93 21.03 -41.39
N PRO B 108 29.41 21.07 -40.16
CA PRO B 108 28.69 22.26 -39.68
C PRO B 108 29.47 23.55 -39.89
N ALA B 109 28.76 24.63 -40.20
CA ALA B 109 29.38 25.93 -40.44
C ALA B 109 29.76 26.62 -39.13
N SER B 110 28.87 26.54 -38.15
CA SER B 110 29.11 27.11 -36.83
C SER B 110 29.24 26.01 -35.78
N PRO B 111 29.73 26.35 -34.59
CA PRO B 111 29.87 25.32 -33.57
C PRO B 111 28.49 24.74 -33.18
N THR B 112 28.43 23.42 -33.09
CA THR B 112 27.20 22.65 -33.01
C THR B 112 27.11 21.86 -31.71
N PRO B 113 25.92 21.87 -31.08
CA PRO B 113 25.82 21.08 -29.85
C PRO B 113 26.22 19.64 -30.09
N VAL B 114 26.86 19.05 -29.11
CA VAL B 114 27.32 17.69 -29.19
C VAL B 114 26.53 16.80 -28.28
N LEU B 115 26.15 15.63 -28.79
CA LEU B 115 25.57 14.59 -27.95
C LEU B 115 26.53 13.42 -27.85
N ILE B 116 26.82 13.00 -26.63
CA ILE B 116 27.64 11.84 -26.39
C ILE B 116 26.85 10.66 -25.83
N TRP B 117 26.78 9.56 -26.59
CA TRP B 117 26.08 8.36 -26.17
C TRP B 117 26.99 7.40 -25.40
N ILE B 118 26.49 6.95 -24.26
CA ILE B 118 27.13 5.93 -23.45
C ILE B 118 26.18 4.74 -23.39
N TYR B 119 26.54 3.64 -24.04
CA TYR B 119 25.63 2.48 -24.09
C TYR B 119 25.48 1.78 -22.75
N GLY B 120 24.42 0.99 -22.62
CA GLY B 120 24.22 0.10 -21.51
C GLY B 120 24.49 -1.37 -21.85
N GLY B 121 23.97 -2.26 -21.00
CA GLY B 121 24.24 -3.69 -21.10
C GLY B 121 24.77 -4.26 -19.80
N GLY B 122 24.25 -3.75 -18.67
CA GLY B 122 24.57 -4.26 -17.35
C GLY B 122 26.04 -4.13 -16.91
N PHE B 123 26.83 -3.34 -17.64
CA PHE B 123 28.28 -3.17 -17.35
C PHE B 123 29.08 -4.44 -17.65
N TYR B 124 28.47 -5.38 -18.36
CA TYR B 124 29.11 -6.64 -18.73
C TYR B 124 29.03 -6.83 -20.25
N SER B 125 28.39 -5.89 -20.96
CA SER B 125 28.08 -6.06 -22.37
C SER B 125 27.81 -4.71 -23.04
N GLY B 126 27.76 -4.69 -24.38
CA GLY B 126 27.50 -3.48 -25.16
C GLY B 126 28.62 -3.07 -26.11
N ALA B 127 28.30 -2.24 -27.10
CA ALA B 127 29.25 -1.65 -28.04
C ALA B 127 28.64 -0.41 -28.66
N ALA B 128 29.49 0.52 -29.10
CA ALA B 128 28.98 1.73 -29.73
C ALA B 128 28.67 1.48 -31.18
N SER B 129 28.94 0.28 -31.65
CA SER B 129 28.75 -0.06 -33.06
C SER B 129 27.37 -0.69 -33.38
N LEU B 130 26.56 -0.99 -32.38
CA LEU B 130 25.25 -1.60 -32.64
C LEU B 130 24.41 -0.72 -33.54
N ASP B 131 23.59 -1.36 -34.37
CA ASP B 131 22.67 -0.64 -35.25
C ASP B 131 21.73 0.33 -34.53
N VAL B 132 21.27 0.00 -33.32
CA VAL B 132 20.36 0.89 -32.59
C VAL B 132 20.99 2.20 -32.18
N TYR B 133 22.32 2.28 -32.25
CA TYR B 133 23.05 3.46 -31.79
C TYR B 133 23.58 4.29 -32.94
N ASP B 134 23.08 4.03 -34.14
CA ASP B 134 23.53 4.69 -35.35
C ASP B 134 23.22 6.20 -35.32
N GLY B 135 24.27 7.02 -35.30
CA GLY B 135 24.10 8.47 -35.18
C GLY B 135 23.73 9.22 -36.46
N ARG B 136 23.53 8.52 -37.57
CA ARG B 136 23.38 9.23 -38.83
C ARG B 136 22.07 10.00 -38.92
N PHE B 137 21.02 9.52 -38.25
CA PHE B 137 19.72 10.17 -38.38
C PHE B 137 19.68 11.49 -37.62
N LEU B 138 20.18 11.49 -36.39
CA LEU B 138 20.26 12.70 -35.59
C LEU B 138 21.17 13.72 -36.28
N ALA B 139 22.30 13.25 -36.82
CA ALA B 139 23.22 14.16 -37.51
C ALA B 139 22.55 14.76 -38.73
N GLN B 140 21.90 13.94 -39.53
CA GLN B 140 21.35 14.41 -40.78
C GLN B 140 20.09 15.28 -40.58
N VAL B 141 19.21 14.90 -39.66
CA VAL B 141 17.91 15.57 -39.54
C VAL B 141 17.95 16.77 -38.60
N GLU B 142 18.58 16.59 -37.45
CA GLU B 142 18.72 17.65 -36.46
C GLU B 142 20.06 18.38 -36.51
N GLY B 143 20.97 17.90 -37.34
CA GLY B 143 22.24 18.60 -37.51
C GLY B 143 23.18 18.44 -36.35
N ALA B 144 22.96 17.44 -35.51
CA ALA B 144 23.79 17.23 -34.34
C ALA B 144 25.17 16.64 -34.71
N VAL B 145 26.17 16.98 -33.89
CA VAL B 145 27.39 16.21 -33.79
C VAL B 145 27.18 15.17 -32.71
N LEU B 146 27.28 13.91 -33.09
CA LEU B 146 27.01 12.81 -32.19
C LEU B 146 28.27 11.96 -32.01
N VAL B 147 28.65 11.72 -30.76
CA VAL B 147 29.82 10.90 -30.41
C VAL B 147 29.41 9.65 -29.62
N SER B 148 30.04 8.50 -29.88
CA SER B 148 29.90 7.35 -28.98
C SER B 148 31.23 6.63 -28.79
N MET B 149 31.48 6.15 -27.56
CA MET B 149 32.73 5.48 -27.27
C MET B 149 32.49 4.04 -26.87
N ASN B 150 33.48 3.18 -27.12
CA ASN B 150 33.53 1.90 -26.46
C ASN B 150 34.15 2.15 -25.10
N TYR B 151 33.70 1.40 -24.09
CA TYR B 151 34.37 1.39 -22.79
C TYR B 151 34.43 -0.05 -22.35
N ARG B 152 35.45 -0.39 -21.56
CA ARG B 152 35.60 -1.76 -21.09
C ARG B 152 34.45 -2.19 -20.15
N VAL B 153 33.93 -3.40 -20.39
CA VAL B 153 32.85 -3.95 -19.60
C VAL B 153 33.29 -5.23 -18.91
N GLY B 154 32.45 -5.75 -18.02
CA GLY B 154 32.78 -6.95 -17.28
C GLY B 154 34.01 -6.85 -16.40
N THR B 155 34.71 -7.98 -16.22
CA THR B 155 35.95 -7.99 -15.41
C THR B 155 36.98 -6.97 -15.94
N PHE B 156 37.08 -6.89 -17.26
CA PHE B 156 38.06 -6.06 -17.90
C PHE B 156 37.90 -4.62 -17.54
N GLY B 157 36.67 -4.23 -17.25
CA GLY B 157 36.36 -2.85 -16.97
C GLY B 157 36.03 -2.53 -15.53
N PHE B 158 35.70 -3.53 -14.71
CA PHE B 158 35.23 -3.21 -13.35
C PHE B 158 35.73 -4.17 -12.28
N LEU B 159 36.51 -5.18 -12.65
CA LEU B 159 37.15 -6.01 -11.62
C LEU B 159 38.08 -5.14 -10.81
N ALA B 160 37.89 -5.18 -9.48
CA ALA B 160 38.60 -4.30 -8.56
C ALA B 160 39.12 -5.07 -7.37
N LEU B 161 40.40 -4.86 -7.08
CA LEU B 161 40.92 -5.16 -5.78
C LEU B 161 41.19 -3.80 -5.12
N PRO B 162 40.14 -3.26 -4.45
CA PRO B 162 40.16 -1.86 -4.03
C PRO B 162 41.36 -1.50 -3.17
N GLY B 163 42.00 -0.39 -3.51
CA GLY B 163 43.19 0.03 -2.81
C GLY B 163 44.49 -0.40 -3.48
N SER B 164 44.41 -1.36 -4.41
CA SER B 164 45.58 -1.78 -5.17
C SER B 164 45.93 -0.75 -6.25
N ARG B 165 47.18 -0.68 -6.68
CA ARG B 165 47.51 0.24 -7.78
C ARG B 165 47.19 -0.41 -9.13
N GLU B 166 47.23 -1.75 -9.21
CA GLU B 166 47.04 -2.40 -10.52
C GLU B 166 45.62 -2.82 -10.87
N ALA B 167 44.68 -2.76 -9.92
CA ALA B 167 43.28 -3.04 -10.19
C ALA B 167 42.39 -2.21 -9.28
N PRO B 168 42.44 -0.88 -9.45
CA PRO B 168 41.77 0.06 -8.55
C PRO B 168 40.24 0.11 -8.71
N GLY B 169 39.72 -0.47 -9.78
CA GLY B 169 38.30 -0.43 -10.07
C GLY B 169 37.91 0.79 -10.87
N ASN B 170 36.71 0.73 -11.43
CA ASN B 170 36.13 1.80 -12.23
C ASN B 170 36.90 2.19 -13.51
N VAL B 171 37.77 1.33 -14.04
CA VAL B 171 38.58 1.80 -15.17
C VAL B 171 37.67 1.95 -16.38
N GLY B 172 36.60 1.17 -16.44
CA GLY B 172 35.58 1.37 -17.45
C GLY B 172 34.97 2.77 -17.47
N LEU B 173 34.76 3.34 -16.30
CA LEU B 173 34.26 4.70 -16.23
C LEU B 173 35.40 5.69 -16.58
N LEU B 174 36.64 5.32 -16.25
CA LEU B 174 37.79 6.14 -16.67
C LEU B 174 37.90 6.15 -18.20
N ASP B 175 37.63 5.02 -18.83
CA ASP B 175 37.57 4.98 -20.29
C ASP B 175 36.57 6.02 -20.83
N GLN B 176 35.36 6.02 -20.29
CA GLN B 176 34.34 6.98 -20.72
C GLN B 176 34.87 8.42 -20.51
N ARG B 177 35.47 8.68 -19.36
CA ARG B 177 35.94 10.03 -19.05
C ARG B 177 37.02 10.49 -20.05
N LEU B 178 37.94 9.60 -20.38
CA LEU B 178 38.97 9.90 -21.36
C LEU B 178 38.32 10.21 -22.71
N ALA B 179 37.26 9.49 -23.07
CA ALA B 179 36.58 9.79 -24.34
C ALA B 179 35.97 11.21 -24.30
N LEU B 180 35.46 11.59 -23.13
CA LEU B 180 34.90 12.94 -22.91
C LEU B 180 36.02 13.99 -22.99
N GLN B 181 37.19 13.66 -22.44
CA GLN B 181 38.35 14.56 -22.52
C GLN B 181 38.73 14.76 -23.98
N TRP B 182 38.62 13.68 -24.75
CA TRP B 182 38.99 13.72 -26.15
C TRP B 182 38.04 14.65 -26.90
N VAL B 183 36.75 14.60 -26.58
CA VAL B 183 35.77 15.45 -27.25
C VAL B 183 36.09 16.93 -26.97
N GLN B 184 36.36 17.25 -25.72
CA GLN B 184 36.78 18.60 -25.34
C GLN B 184 37.96 19.09 -26.15
N GLU B 185 38.92 18.22 -26.34
CA GLU B 185 40.19 18.59 -26.97
C GLU B 185 40.05 18.70 -28.47
N ASN B 186 39.16 17.90 -29.04
CA ASN B 186 39.20 17.64 -30.47
C ASN B 186 37.93 17.94 -31.25
N ILE B 187 36.78 18.03 -30.59
CA ILE B 187 35.53 17.94 -31.33
C ILE B 187 35.29 19.18 -32.17
N ALA B 188 35.88 20.31 -31.79
CA ALA B 188 35.78 21.52 -32.60
C ALA B 188 36.28 21.34 -34.02
N ALA B 189 37.19 20.39 -34.22
CA ALA B 189 37.73 20.12 -35.56
C ALA B 189 36.68 19.47 -36.44
N PHE B 190 35.62 18.95 -35.83
CA PHE B 190 34.53 18.30 -36.57
C PHE B 190 33.33 19.24 -36.71
N GLY B 191 33.44 20.43 -36.12
CA GLY B 191 32.34 21.38 -36.11
C GLY B 191 31.56 21.37 -34.81
N GLY B 192 32.00 20.56 -33.86
CA GLY B 192 31.34 20.45 -32.56
C GLY B 192 31.72 21.54 -31.56
N ASP B 193 30.76 21.92 -30.74
CA ASP B 193 30.93 22.94 -29.71
C ASP B 193 31.32 22.28 -28.39
N PRO B 194 32.59 22.43 -27.93
CA PRO B 194 32.94 21.74 -26.69
C PRO B 194 32.27 22.37 -25.49
N MET B 195 31.76 23.58 -25.69
CA MET B 195 31.09 24.28 -24.62
C MET B 195 29.59 23.92 -24.53
N SER B 196 29.12 23.01 -25.39
CA SER B 196 27.74 22.48 -25.27
C SER B 196 27.71 20.98 -25.53
N VAL B 197 27.95 20.22 -24.46
CA VAL B 197 28.07 18.78 -24.52
C VAL B 197 27.02 18.16 -23.61
N THR B 198 26.19 17.33 -24.20
CA THR B 198 25.16 16.59 -23.51
C THR B 198 25.46 15.11 -23.48
N LEU B 199 25.64 14.54 -22.30
CA LEU B 199 25.68 13.07 -22.16
C LEU B 199 24.29 12.43 -22.21
N PHE B 200 24.12 11.33 -22.95
CA PHE B 200 22.94 10.51 -22.77
C PHE B 200 23.27 9.05 -22.86
N GLY B 201 22.49 8.26 -22.12
CA GLY B 201 22.71 6.84 -21.96
C GLY B 201 21.49 6.12 -21.43
N GLU B 202 21.46 4.82 -21.62
CA GLU B 202 20.35 3.98 -21.16
C GLU B 202 20.86 2.83 -20.29
N SER B 203 20.08 2.48 -19.26
CA SER B 203 20.40 1.41 -18.32
C SER B 203 21.81 1.66 -17.74
N ALA B 204 22.77 0.74 -17.89
CA ALA B 204 24.09 0.94 -17.27
C ALA B 204 24.73 2.22 -17.80
N GLY B 205 24.43 2.54 -19.05
CA GLY B 205 24.85 3.81 -19.65
C GLY B 205 24.29 5.03 -18.94
N ALA B 206 23.04 4.94 -18.50
CA ALA B 206 22.43 6.01 -17.73
C ALA B 206 23.06 6.10 -16.34
N ALA B 207 23.24 4.95 -15.71
CA ALA B 207 23.94 4.90 -14.45
C ALA B 207 25.34 5.52 -14.60
N SER B 208 26.01 5.21 -15.70
CA SER B 208 27.32 5.83 -16.01
C SER B 208 27.21 7.35 -16.08
N VAL B 209 26.27 7.85 -16.87
CA VAL B 209 26.02 9.31 -16.93
C VAL B 209 25.88 9.90 -15.53
N GLY B 210 25.06 9.26 -14.70
CA GLY B 210 24.86 9.72 -13.35
C GLY B 210 26.13 9.70 -12.52
N MET B 211 26.99 8.74 -12.77
CA MET B 211 28.22 8.70 -12.04
C MET B 211 29.18 9.83 -12.47
N HIS B 212 29.11 10.27 -13.72
CA HIS B 212 29.87 11.45 -14.13
C HIS B 212 29.30 12.72 -13.50
N ILE B 213 27.98 12.80 -13.30
CA ILE B 213 27.40 13.92 -12.55
C ILE B 213 27.96 14.00 -11.13
N LEU B 214 28.20 12.83 -10.55
CA LEU B 214 28.54 12.71 -9.13
C LEU B 214 30.05 12.65 -8.90
N SER B 215 30.80 12.71 -10.00
CA SER B 215 32.26 12.66 -9.91
C SER B 215 32.88 13.92 -10.46
N LEU B 216 33.45 14.70 -9.56
CA LEU B 216 33.82 16.06 -9.87
C LEU B 216 34.75 16.20 -11.09
N PRO B 217 35.77 15.34 -11.23
CA PRO B 217 36.62 15.59 -12.41
C PRO B 217 35.85 15.40 -13.75
N SER B 218 34.74 14.66 -13.79
CA SER B 218 33.92 14.58 -15.02
C SER B 218 33.09 15.83 -15.35
N ARG B 219 32.81 16.65 -14.33
N ARG B 219 32.74 16.66 -14.36
CA ARG B 219 31.84 17.75 -14.46
CA ARG B 219 31.76 17.72 -14.61
C ARG B 219 32.31 18.87 -15.38
C ARG B 219 32.30 18.92 -15.40
N SER B 220 33.61 19.01 -15.57
CA SER B 220 34.15 20.02 -16.46
C SER B 220 34.01 19.60 -17.92
N LEU B 221 33.57 18.38 -18.15
CA LEU B 221 33.55 17.81 -19.50
C LEU B 221 32.18 17.78 -20.16
N PHE B 222 31.14 18.18 -19.44
CA PHE B 222 29.80 18.20 -20.04
C PHE B 222 28.93 19.19 -19.32
N HIS B 223 27.79 19.55 -19.91
CA HIS B 223 26.93 20.60 -19.37
C HIS B 223 25.53 20.13 -19.02
N ARG B 224 25.08 19.07 -19.67
CA ARG B 224 23.71 18.56 -19.55
C ARG B 224 23.75 17.04 -19.62
N ALA B 225 22.71 16.39 -19.10
CA ALA B 225 22.69 14.95 -18.96
C ALA B 225 21.27 14.37 -19.18
N VAL B 226 21.23 13.18 -19.75
CA VAL B 226 20.01 12.42 -19.99
C VAL B 226 20.20 11.02 -19.44
N LEU B 227 19.28 10.57 -18.58
CA LEU B 227 19.37 9.23 -17.99
C LEU B 227 18.12 8.46 -18.32
N GLN B 228 18.27 7.53 -19.24
CA GLN B 228 17.15 6.71 -19.69
C GLN B 228 17.15 5.35 -18.99
N SER B 229 16.10 5.09 -18.21
CA SER B 229 15.95 3.79 -17.58
C SER B 229 17.21 3.36 -16.82
N GLY B 230 17.84 4.28 -16.11
CA GLY B 230 18.93 3.91 -15.22
C GLY B 230 19.44 5.05 -14.36
N THR B 231 20.10 4.71 -13.26
CA THR B 231 20.57 5.69 -12.27
C THR B 231 21.84 5.21 -11.57
N PRO B 232 22.65 6.15 -11.04
CA PRO B 232 23.84 5.72 -10.29
C PRO B 232 23.46 5.15 -8.94
N ASN B 233 22.40 5.72 -8.35
CA ASN B 233 21.85 5.15 -7.13
C ASN B 233 21.08 3.89 -7.45
N GLY B 234 20.60 3.21 -6.42
CA GLY B 234 19.84 1.98 -6.62
C GLY B 234 20.61 0.68 -6.38
N PRO B 235 19.94 -0.45 -6.56
CA PRO B 235 20.46 -1.73 -6.05
C PRO B 235 21.47 -2.47 -6.92
N TRP B 236 21.70 -2.06 -8.18
CA TRP B 236 22.53 -2.86 -9.09
C TRP B 236 23.78 -2.16 -9.64
N ALA B 237 23.78 -0.83 -9.64
CA ALA B 237 24.79 -0.07 -10.39
C ALA B 237 26.13 0.10 -9.67
N THR B 238 26.14 -0.09 -8.34
CA THR B 238 27.39 -0.05 -7.59
C THR B 238 27.53 -1.21 -6.62
N VAL B 239 28.76 -1.48 -6.24
CA VAL B 239 29.03 -2.35 -5.11
C VAL B 239 29.97 -1.65 -4.15
N SER B 240 29.95 -2.12 -2.91
CA SER B 240 30.90 -1.65 -1.92
C SER B 240 32.28 -2.19 -2.27
N ALA B 241 33.30 -1.60 -1.65
CA ALA B 241 34.68 -2.01 -1.84
C ALA B 241 34.90 -3.45 -1.40
N GLY B 242 34.24 -3.80 -0.30
CA GLY B 242 34.42 -5.12 0.29
C GLY B 242 33.77 -6.17 -0.58
N GLU B 243 32.64 -5.84 -1.21
CA GLU B 243 31.92 -6.82 -2.01
C GLU B 243 32.69 -7.01 -3.32
N ALA B 244 33.33 -5.94 -3.78
CA ALA B 244 34.09 -6.00 -5.03
C ALA B 244 35.39 -6.80 -4.84
N ARG B 245 36.03 -6.60 -3.71
CA ARG B 245 37.16 -7.40 -3.33
C ARG B 245 36.79 -8.87 -3.31
N ARG B 246 35.63 -9.16 -2.71
CA ARG B 246 35.17 -10.55 -2.52
C ARG B 246 34.98 -11.17 -3.90
N ARG B 247 34.29 -10.44 -4.76
CA ARG B 247 33.95 -10.96 -6.07
C ARG B 247 35.24 -11.21 -6.88
N ALA B 248 36.16 -10.23 -6.91
CA ALA B 248 37.45 -10.40 -7.61
C ALA B 248 38.21 -11.61 -7.09
N THR B 249 38.28 -11.71 -5.77
CA THR B 249 39.04 -12.76 -5.12
C THR B 249 38.47 -14.14 -5.48
N LEU B 250 37.14 -14.29 -5.40
CA LEU B 250 36.48 -15.54 -5.76
C LEU B 250 36.69 -15.88 -7.23
N LEU B 251 36.57 -14.87 -8.09
CA LEU B 251 36.76 -15.12 -9.51
C LEU B 251 38.18 -15.61 -9.75
N ALA B 252 39.13 -15.06 -9.02
CA ALA B 252 40.53 -15.47 -9.18
C ALA B 252 40.66 -16.91 -8.78
N ARG B 253 40.08 -17.25 -7.64
CA ARG B 253 40.07 -18.63 -7.20
C ARG B 253 39.45 -19.55 -8.27
N LEU B 254 38.29 -19.18 -8.80
CA LEU B 254 37.59 -19.99 -9.80
C LEU B 254 38.43 -20.27 -11.05
N VAL B 255 39.32 -19.35 -11.45
CA VAL B 255 40.16 -19.60 -12.63
C VAL B 255 41.61 -20.00 -12.27
N GLY B 256 41.88 -20.36 -11.01
CA GLY B 256 43.17 -20.92 -10.63
C GLY B 256 44.22 -19.95 -10.08
N CYS B 257 43.78 -18.83 -9.54
CA CYS B 257 44.68 -17.82 -9.02
C CYS B 257 44.51 -17.61 -7.51
N ASN B 265 48.93 -11.59 -1.76
CA ASN B 265 48.69 -10.15 -1.86
C ASN B 265 48.14 -9.76 -3.23
N ASP B 266 47.63 -8.54 -3.34
CA ASP B 266 46.90 -8.15 -4.53
C ASP B 266 47.77 -8.26 -5.79
N THR B 267 49.03 -7.88 -5.69
CA THR B 267 49.90 -7.85 -6.86
C THR B 267 50.04 -9.22 -7.51
N GLU B 268 50.31 -10.25 -6.72
CA GLU B 268 50.47 -11.58 -7.28
C GLU B 268 49.13 -12.06 -7.87
N LEU B 269 48.03 -11.77 -7.19
CA LEU B 269 46.72 -12.22 -7.63
C LEU B 269 46.35 -11.60 -8.99
N ILE B 270 46.56 -10.30 -9.14
CA ILE B 270 46.26 -9.62 -10.40
C ILE B 270 47.20 -10.05 -11.53
N ALA B 271 48.46 -10.32 -11.19
CA ALA B 271 49.40 -10.82 -12.18
C ALA B 271 48.87 -12.09 -12.84
N CYS B 272 48.37 -13.00 -12.03
CA CYS B 272 47.92 -14.31 -12.54
C CYS B 272 46.65 -14.13 -13.35
N LEU B 273 45.79 -13.24 -12.90
CA LEU B 273 44.60 -12.90 -13.67
C LEU B 273 44.95 -12.38 -15.04
N ARG B 274 46.05 -11.62 -15.13
N ARG B 274 46.03 -11.61 -15.15
CA ARG B 274 46.45 -11.03 -16.41
CA ARG B 274 46.42 -11.05 -16.43
C ARG B 274 46.99 -12.09 -17.36
C ARG B 274 46.91 -12.13 -17.40
N THR B 275 47.35 -13.27 -16.86
CA THR B 275 47.77 -14.38 -17.72
C THR B 275 46.63 -15.19 -18.36
N ARG B 276 45.41 -15.04 -17.85
CA ARG B 276 44.28 -15.85 -18.31
C ARG B 276 43.67 -15.33 -19.62
N PRO B 277 43.46 -16.24 -20.60
CA PRO B 277 42.66 -15.90 -21.79
C PRO B 277 41.34 -15.16 -21.44
N ALA B 278 40.99 -14.14 -22.24
CA ALA B 278 39.82 -13.33 -21.96
C ALA B 278 38.57 -14.17 -21.69
N GLN B 279 38.37 -15.22 -22.49
CA GLN B 279 37.13 -16.00 -22.43
C GLN B 279 37.05 -16.82 -21.11
N ASP B 280 38.19 -17.16 -20.50
CA ASP B 280 38.16 -17.78 -19.17
C ASP B 280 37.50 -16.86 -18.12
N LEU B 281 37.68 -15.56 -18.26
CA LEU B 281 37.14 -14.66 -17.24
C LEU B 281 35.63 -14.53 -17.46
N VAL B 282 35.23 -14.36 -18.72
CA VAL B 282 33.83 -14.31 -19.08
C VAL B 282 33.09 -15.61 -18.69
N ASP B 283 33.75 -16.76 -18.88
CA ASP B 283 33.19 -18.05 -18.47
C ASP B 283 32.75 -18.13 -16.99
N HIS B 284 33.39 -17.34 -16.13
CA HIS B 284 33.15 -17.45 -14.68
C HIS B 284 32.65 -16.15 -14.06
N GLU B 285 32.50 -15.16 -14.92
CA GLU B 285 32.01 -13.84 -14.55
C GLU B 285 30.82 -13.93 -13.57
N TRP B 286 29.80 -14.69 -13.94
CA TRP B 286 28.54 -14.68 -13.23
C TRP B 286 28.58 -15.47 -11.94
N HIS B 287 29.50 -16.44 -11.88
CA HIS B 287 29.55 -17.36 -10.75
C HIS B 287 29.84 -16.73 -9.39
N VAL B 288 30.24 -15.44 -9.36
CA VAL B 288 30.57 -14.79 -8.10
C VAL B 288 29.41 -14.00 -7.47
N LEU B 289 28.24 -13.97 -8.10
CA LEU B 289 27.09 -13.28 -7.51
C LEU B 289 26.70 -13.93 -6.19
N PRO B 290 26.47 -13.12 -5.15
CA PRO B 290 26.20 -13.71 -3.82
C PRO B 290 24.85 -14.42 -3.71
N GLN B 291 23.83 -13.89 -4.39
CA GLN B 291 22.51 -14.49 -4.36
C GLN B 291 22.02 -14.90 -5.76
N GLU B 292 21.12 -15.88 -5.75
CA GLU B 292 20.24 -16.17 -6.86
C GLU B 292 19.43 -14.91 -7.17
N SER B 293 19.61 -14.39 -8.37
CA SER B 293 19.11 -13.05 -8.68
C SER B 293 18.84 -12.82 -10.15
N ILE B 294 18.13 -11.74 -10.44
CA ILE B 294 18.07 -11.17 -11.78
C ILE B 294 18.35 -9.67 -11.63
N PHE B 295 18.71 -9.01 -12.72
CA PHE B 295 19.08 -7.60 -12.67
C PHE B 295 20.20 -7.37 -11.67
N ARG B 296 21.11 -8.33 -11.56
CA ARG B 296 22.36 -8.19 -10.82
C ARG B 296 23.54 -8.59 -11.73
N PHE B 297 24.57 -7.77 -11.71
CA PHE B 297 25.72 -7.97 -12.57
C PHE B 297 26.98 -8.01 -11.73
N SER B 298 27.87 -8.95 -12.01
CA SER B 298 28.97 -9.24 -11.10
C SER B 298 30.00 -8.11 -10.99
N PHE B 299 30.33 -7.45 -12.09
CA PHE B 299 31.39 -6.43 -12.09
C PHE B 299 30.87 -5.10 -12.62
N VAL B 300 30.75 -4.16 -11.69
CA VAL B 300 30.10 -2.87 -11.87
C VAL B 300 30.91 -1.82 -11.12
N PRO B 301 30.56 -0.53 -11.27
CA PRO B 301 31.33 0.50 -10.57
C PRO B 301 31.40 0.24 -9.07
N VAL B 302 32.49 0.65 -8.43
CA VAL B 302 32.73 0.31 -7.04
C VAL B 302 32.85 1.61 -6.27
N VAL B 303 32.33 1.64 -5.05
CA VAL B 303 32.45 2.82 -4.22
C VAL B 303 33.87 2.81 -3.69
N ASP B 304 34.74 3.57 -4.35
CA ASP B 304 36.17 3.46 -4.12
C ASP B 304 36.74 4.55 -3.22
N GLY B 305 35.98 5.62 -3.00
CA GLY B 305 36.48 6.76 -2.24
C GLY B 305 37.28 7.67 -3.15
N ASP B 306 37.25 7.38 -4.44
CA ASP B 306 38.02 8.13 -5.41
C ASP B 306 37.11 8.67 -6.53
N PHE B 307 36.91 7.87 -7.57
CA PHE B 307 35.97 8.26 -8.62
C PHE B 307 34.61 8.57 -7.97
N LEU B 308 34.18 7.69 -7.08
CA LEU B 308 33.00 7.89 -6.24
C LEU B 308 33.40 8.14 -4.80
N SER B 309 33.39 9.40 -4.37
CA SER B 309 33.86 9.76 -3.02
C SER B 309 33.04 9.10 -1.90
N ASP B 310 31.83 8.66 -2.25
CA ASP B 310 30.90 8.10 -1.28
C ASP B 310 29.87 7.30 -2.08
N THR B 311 28.94 6.66 -1.41
CA THR B 311 27.83 6.03 -2.12
C THR B 311 27.08 7.04 -2.97
N PRO B 312 26.54 6.60 -4.11
CA PRO B 312 25.67 7.50 -4.87
C PRO B 312 24.49 7.98 -4.05
N GLU B 313 23.92 7.12 -3.21
CA GLU B 313 22.81 7.53 -2.37
C GLU B 313 23.25 8.75 -1.57
N ALA B 314 24.40 8.65 -0.93
CA ALA B 314 24.92 9.76 -0.12
C ALA B 314 25.25 10.99 -0.93
N LEU B 315 25.70 10.80 -2.17
CA LEU B 315 26.15 11.93 -2.98
C LEU B 315 24.98 12.65 -3.58
N ILE B 316 23.91 11.94 -3.95
CA ILE B 316 22.74 12.65 -4.46
C ILE B 316 21.99 13.31 -3.32
N ASN B 317 22.17 12.85 -2.08
CA ASN B 317 21.42 13.47 -0.98
C ASN B 317 22.05 14.78 -0.57
N THR B 318 23.36 14.89 -0.74
CA THR B 318 24.09 16.03 -0.19
C THR B 318 24.66 16.97 -1.25
N GLY B 319 24.47 16.65 -2.53
CA GLY B 319 25.06 17.45 -3.58
C GLY B 319 24.30 18.72 -3.92
N ASP B 320 25.02 19.70 -4.46
CA ASP B 320 24.46 20.92 -5.04
C ASP B 320 24.44 20.82 -6.57
N PHE B 321 23.23 20.81 -7.15
CA PHE B 321 23.06 20.56 -8.57
C PHE B 321 22.54 21.77 -9.31
N GLN B 322 22.83 22.93 -8.74
CA GLN B 322 22.23 24.21 -9.15
C GLN B 322 22.29 24.47 -10.66
N ASP B 323 23.47 24.32 -11.26
CA ASP B 323 23.62 24.75 -12.67
C ASP B 323 23.65 23.54 -13.63
N LEU B 324 22.75 22.58 -13.39
CA LEU B 324 22.65 21.34 -14.13
C LEU B 324 21.24 21.16 -14.70
N GLN B 325 21.15 20.72 -15.96
CA GLN B 325 19.86 20.34 -16.53
C GLN B 325 19.86 18.85 -16.81
N VAL B 326 18.74 18.19 -16.49
CA VAL B 326 18.66 16.74 -16.53
C VAL B 326 17.30 16.29 -17.08
N LEU B 327 17.37 15.39 -18.04
CA LEU B 327 16.22 14.68 -18.59
C LEU B 327 16.33 13.19 -18.18
N VAL B 328 15.27 12.67 -17.57
CA VAL B 328 15.25 11.30 -17.03
C VAL B 328 13.88 10.64 -17.31
N GLY B 329 13.85 9.32 -17.37
CA GLY B 329 12.61 8.64 -17.69
C GLY B 329 12.73 7.14 -17.68
N VAL B 330 11.62 6.49 -18.02
CA VAL B 330 11.46 5.06 -17.88
C VAL B 330 10.58 4.63 -19.03
N VAL B 331 10.60 3.33 -19.36
CA VAL B 331 9.65 2.76 -20.31
C VAL B 331 8.51 2.16 -19.48
N LYS B 332 7.38 1.91 -20.13
CA LYS B 332 6.18 1.42 -19.45
C LYS B 332 6.40 0.13 -18.64
N ASP B 333 7.24 -0.78 -19.13
CA ASP B 333 7.46 -2.10 -18.48
C ASP B 333 8.93 -2.46 -18.20
N GLU B 334 9.55 -1.72 -17.31
CA GLU B 334 11.00 -1.85 -17.04
C GLU B 334 11.45 -3.28 -16.69
N GLY B 335 10.60 -4.01 -15.96
CA GLY B 335 10.98 -5.29 -15.38
C GLY B 335 10.79 -6.55 -16.22
N SER B 336 9.95 -6.49 -17.25
CA SER B 336 9.54 -7.72 -17.93
C SER B 336 10.68 -8.50 -18.56
N TYR B 337 11.59 -7.78 -19.21
CA TYR B 337 12.71 -8.37 -19.96
C TYR B 337 13.54 -9.30 -19.07
N PHE B 338 13.74 -8.91 -17.82
CA PHE B 338 14.64 -9.61 -16.91
C PHE B 338 14.08 -10.92 -16.38
N LEU B 339 12.75 -11.03 -16.29
CA LEU B 339 12.11 -12.20 -15.70
C LEU B 339 12.52 -13.51 -16.37
N VAL B 340 12.69 -13.47 -17.69
CA VAL B 340 13.01 -14.67 -18.45
C VAL B 340 14.47 -15.13 -18.26
N TYR B 341 15.26 -14.38 -17.50
CA TYR B 341 16.67 -14.74 -17.28
C TYR B 341 16.93 -15.50 -15.97
N GLY B 342 15.89 -15.75 -15.18
CA GLY B 342 16.09 -16.37 -13.87
C GLY B 342 14.86 -16.75 -13.06
N VAL B 343 13.68 -16.25 -13.39
CA VAL B 343 12.49 -16.53 -12.59
C VAL B 343 11.68 -17.69 -13.16
N PRO B 344 11.63 -18.84 -12.46
CA PRO B 344 10.87 -19.99 -12.94
C PRO B 344 9.41 -19.65 -13.25
N GLY B 345 8.91 -20.21 -14.36
CA GLY B 345 7.56 -19.97 -14.82
C GLY B 345 7.51 -18.98 -15.98
N PHE B 346 8.59 -18.23 -16.17
CA PHE B 346 8.64 -17.22 -17.22
C PHE B 346 9.42 -17.68 -18.45
N SER B 347 8.91 -17.34 -19.62
CA SER B 347 9.47 -17.74 -20.91
C SER B 347 9.09 -16.73 -21.96
N LYS B 348 9.98 -16.48 -22.91
CA LYS B 348 9.65 -15.58 -24.02
C LYS B 348 8.68 -16.26 -24.98
N ASP B 349 8.56 -17.58 -24.85
CA ASP B 349 7.85 -18.38 -25.82
C ASP B 349 6.44 -18.83 -25.33
N ASN B 350 6.02 -18.40 -24.14
CA ASN B 350 4.62 -18.58 -23.71
C ASN B 350 4.16 -17.41 -22.85
N GLU B 351 2.91 -17.45 -22.42
CA GLU B 351 2.31 -16.31 -21.75
C GLU B 351 2.80 -16.12 -20.32
N SER B 352 3.52 -17.10 -19.79
CA SER B 352 4.15 -16.99 -18.49
C SER B 352 3.11 -16.63 -17.43
N LEU B 353 1.97 -17.30 -17.50
CA LEU B 353 0.96 -17.19 -16.47
C LEU B 353 1.42 -18.01 -15.28
N ILE B 354 1.82 -17.33 -14.21
CA ILE B 354 2.42 -17.97 -13.06
C ILE B 354 1.44 -18.13 -11.89
N SER B 355 1.75 -19.08 -11.03
CA SER B 355 0.98 -19.34 -9.83
C SER B 355 1.39 -18.40 -8.74
N ARG B 356 0.62 -18.37 -7.66
CA ARG B 356 0.99 -17.58 -6.51
C ARG B 356 2.31 -18.05 -5.89
N ALA B 357 2.54 -19.37 -5.86
CA ALA B 357 3.77 -19.90 -5.28
C ALA B 357 4.95 -19.37 -6.05
N GLN B 358 4.84 -19.42 -7.37
CA GLN B 358 5.91 -18.95 -8.25
C GLN B 358 6.15 -17.47 -8.03
N PHE B 359 5.09 -16.74 -7.65
CA PHE B 359 5.21 -15.31 -7.42
C PHE B 359 6.04 -15.03 -6.16
N LEU B 360 5.84 -15.81 -5.10
CA LEU B 360 6.58 -15.58 -3.86
C LEU B 360 8.03 -16.01 -4.05
N ALA B 361 8.25 -17.06 -4.81
CA ALA B 361 9.60 -17.50 -5.16
C ALA B 361 10.29 -16.48 -6.10
N GLY B 362 9.54 -15.86 -6.99
CA GLY B 362 10.09 -14.90 -7.92
C GLY B 362 10.52 -13.62 -7.22
N VAL B 363 9.75 -13.23 -6.21
CA VAL B 363 10.08 -12.05 -5.43
C VAL B 363 11.44 -12.21 -4.72
N ARG B 364 11.80 -13.42 -4.31
CA ARG B 364 13.07 -13.60 -3.62
C ARG B 364 14.22 -13.44 -4.59
N ILE B 365 13.95 -13.68 -5.86
CA ILE B 365 14.96 -13.67 -6.88
C ILE B 365 15.08 -12.27 -7.45
N GLY B 366 13.96 -11.55 -7.46
CA GLY B 366 13.92 -10.22 -8.01
C GLY B 366 14.27 -9.17 -6.99
N VAL B 367 14.26 -9.55 -5.71
CA VAL B 367 14.66 -8.66 -4.63
C VAL B 367 15.65 -9.45 -3.76
N PRO B 368 16.79 -9.83 -4.37
CA PRO B 368 17.71 -10.84 -3.83
C PRO B 368 18.33 -10.46 -2.50
N GLN B 369 18.36 -9.17 -2.21
CA GLN B 369 18.97 -8.69 -0.98
C GLN B 369 17.94 -8.49 0.12
N ALA B 370 16.68 -8.81 -0.15
CA ALA B 370 15.62 -8.62 0.84
C ALA B 370 15.56 -9.73 1.89
N SER B 371 15.37 -9.32 3.14
CA SER B 371 15.04 -10.26 4.23
C SER B 371 13.70 -10.95 4.00
N ASP B 372 13.45 -12.02 4.76
CA ASP B 372 12.14 -12.66 4.73
C ASP B 372 11.02 -11.63 4.94
N LEU B 373 11.20 -10.76 5.92
CA LEU B 373 10.15 -9.81 6.26
C LEU B 373 9.92 -8.78 5.16
N ALA B 374 11.02 -8.27 4.60
CA ALA B 374 10.96 -7.34 3.48
C ALA B 374 10.31 -7.95 2.25
N ALA B 375 10.66 -9.19 1.93
CA ALA B 375 10.07 -9.89 0.80
C ALA B 375 8.57 -10.05 1.05
N GLU B 376 8.23 -10.24 2.30
CA GLU B 376 6.83 -10.36 2.71
C GLU B 376 6.11 -9.04 2.42
N ALA B 377 6.69 -7.93 2.87
CA ALA B 377 6.11 -6.62 2.56
C ALA B 377 5.92 -6.42 1.06
N VAL B 378 6.91 -6.79 0.25
CA VAL B 378 6.79 -6.63 -1.20
C VAL B 378 5.62 -7.47 -1.73
N VAL B 379 5.55 -8.73 -1.33
CA VAL B 379 4.48 -9.60 -1.79
C VAL B 379 3.11 -9.02 -1.43
N LEU B 380 2.97 -8.54 -0.19
CA LEU B 380 1.67 -8.08 0.23
C LEU B 380 1.32 -6.74 -0.42
N HIS B 381 2.32 -5.93 -0.72
CA HIS B 381 2.08 -4.65 -1.40
C HIS B 381 1.64 -4.88 -2.87
N TYR B 382 2.26 -5.85 -3.52
CA TYR B 382 2.04 -6.04 -4.96
C TYR B 382 0.91 -7.02 -5.29
N THR B 383 0.55 -7.89 -4.34
CA THR B 383 -0.68 -8.64 -4.51
C THR B 383 -1.86 -7.69 -4.69
N ASP B 384 -2.69 -7.99 -5.70
CA ASP B 384 -4.04 -7.44 -5.79
C ASP B 384 -5.00 -8.35 -4.99
N TRP B 385 -5.57 -7.82 -3.90
CA TRP B 385 -6.28 -8.65 -2.94
C TRP B 385 -7.70 -8.94 -3.37
N LEU B 386 -8.09 -8.38 -4.51
CA LEU B 386 -9.35 -8.76 -5.16
C LEU B 386 -9.15 -9.94 -6.11
N HIS B 387 -7.90 -10.13 -6.55
CA HIS B 387 -7.56 -11.22 -7.45
C HIS B 387 -6.19 -11.73 -7.04
N PRO B 388 -6.08 -12.24 -5.82
CA PRO B 388 -4.78 -12.60 -5.23
C PRO B 388 -4.15 -13.84 -5.86
N GLU B 389 -4.93 -14.62 -6.61
CA GLU B 389 -4.38 -15.83 -7.23
C GLU B 389 -4.44 -15.79 -8.75
N ASP B 390 -4.92 -14.68 -9.30
CA ASP B 390 -5.07 -14.61 -10.74
C ASP B 390 -3.67 -14.59 -11.43
N PRO B 391 -3.33 -15.66 -12.17
CA PRO B 391 -2.01 -15.76 -12.80
C PRO B 391 -1.54 -14.53 -13.60
N THR B 392 -2.43 -13.93 -14.39
CA THR B 392 -2.11 -12.74 -15.16
C THR B 392 -1.73 -11.54 -14.29
N HIS B 393 -2.48 -11.29 -13.22
CA HIS B 393 -2.09 -10.24 -12.27
C HIS B 393 -0.74 -10.58 -11.67
N LEU B 394 -0.56 -11.84 -11.26
CA LEU B 394 0.70 -12.23 -10.64
C LEU B 394 1.91 -12.06 -11.58
N ARG B 395 1.73 -12.37 -12.85
CA ARG B 395 2.77 -12.20 -13.84
C ARG B 395 3.11 -10.73 -14.02
N ASP B 396 2.09 -9.89 -14.20
CA ASP B 396 2.30 -8.46 -14.39
C ASP B 396 2.85 -7.80 -13.12
N ALA B 397 2.53 -8.40 -11.97
CA ALA B 397 3.04 -7.91 -10.68
C ALA B 397 4.51 -8.25 -10.50
N MET B 398 4.92 -9.43 -10.97
CA MET B 398 6.31 -9.85 -10.90
C MET B 398 7.15 -8.86 -11.72
N SER B 399 6.68 -8.55 -12.94
CA SER B 399 7.32 -7.56 -13.78
C SER B 399 7.42 -6.22 -13.06
N ALA B 400 6.35 -5.81 -12.40
CA ALA B 400 6.33 -4.53 -11.72
C ALA B 400 7.31 -4.49 -10.55
N VAL B 401 7.38 -5.56 -9.77
CA VAL B 401 8.31 -5.60 -8.64
C VAL B 401 9.75 -5.28 -9.13
N VAL B 402 10.18 -5.95 -10.20
CA VAL B 402 11.57 -5.86 -10.63
C VAL B 402 11.85 -4.50 -11.27
N GLY B 403 10.91 -4.01 -12.09
CA GLY B 403 11.03 -2.70 -12.72
C GLY B 403 11.05 -1.56 -11.73
N ASP B 404 10.26 -1.66 -10.66
CA ASP B 404 10.19 -0.58 -9.69
C ASP B 404 11.42 -0.52 -8.81
N HIS B 405 11.79 -1.68 -8.28
CA HIS B 405 12.93 -1.86 -7.40
C HIS B 405 14.23 -1.41 -8.09
N ASN B 406 14.36 -1.74 -9.36
CA ASN B 406 15.60 -1.52 -10.10
C ASN B 406 15.69 -0.26 -10.90
N VAL B 407 14.55 0.24 -11.41
CA VAL B 407 14.56 1.42 -12.29
C VAL B 407 13.58 2.54 -11.87
N VAL B 408 12.28 2.27 -11.87
CA VAL B 408 11.31 3.35 -11.69
C VAL B 408 11.52 4.08 -10.35
N CYS B 409 11.67 3.36 -9.25
CA CYS B 409 11.78 4.08 -8.00
C CYS B 409 13.18 4.70 -7.80
N PRO B 410 14.24 4.00 -8.23
CA PRO B 410 15.50 4.74 -8.25
C PRO B 410 15.43 5.99 -9.13
N VAL B 411 14.71 5.98 -10.25
CA VAL B 411 14.58 7.22 -11.04
C VAL B 411 13.75 8.30 -10.29
N ALA B 412 12.71 7.89 -9.57
CA ALA B 412 11.90 8.89 -8.85
C ALA B 412 12.72 9.51 -7.73
N GLN B 413 13.48 8.67 -7.04
CA GLN B 413 14.41 9.13 -6.00
C GLN B 413 15.43 10.17 -6.53
N LEU B 414 16.10 9.84 -7.64
CA LEU B 414 17.08 10.75 -8.25
C LEU B 414 16.45 12.08 -8.68
N ALA B 415 15.35 11.99 -9.44
CA ALA B 415 14.60 13.17 -9.89
C ALA B 415 14.31 14.14 -8.76
N GLY B 416 13.74 13.63 -7.69
CA GLY B 416 13.35 14.49 -6.60
C GLY B 416 14.56 15.09 -5.88
N ARG B 417 15.61 14.29 -5.71
CA ARG B 417 16.79 14.79 -5.04
C ARG B 417 17.42 15.90 -5.91
N LEU B 418 17.57 15.65 -7.20
CA LEU B 418 18.11 16.65 -8.14
C LEU B 418 17.29 17.92 -8.15
N ALA B 419 15.97 17.76 -8.21
CA ALA B 419 15.09 18.91 -8.34
C ALA B 419 15.11 19.74 -7.07
N ALA B 420 15.23 19.05 -5.93
CA ALA B 420 15.23 19.71 -4.62
C ALA B 420 16.53 20.45 -4.35
N GLN B 421 17.60 20.02 -4.99
CA GLN B 421 18.93 20.56 -4.72
C GLN B 421 19.43 21.38 -5.91
N GLY B 422 18.49 21.95 -6.65
CA GLY B 422 18.79 23.02 -7.57
C GLY B 422 18.74 22.72 -9.06
N ALA B 423 18.76 21.45 -9.44
CA ALA B 423 18.72 21.08 -10.85
C ALA B 423 17.40 21.42 -11.49
N ARG B 424 17.49 21.60 -12.79
CA ARG B 424 16.35 21.69 -13.67
C ARG B 424 16.16 20.31 -14.27
N VAL B 425 15.01 19.71 -13.98
CA VAL B 425 14.73 18.29 -14.28
C VAL B 425 13.50 18.16 -15.17
N TYR B 426 13.58 17.37 -16.23
CA TYR B 426 12.40 16.97 -17.00
C TYR B 426 12.28 15.46 -16.95
N ALA B 427 11.05 14.96 -16.85
CA ALA B 427 10.85 13.52 -16.71
C ALA B 427 9.76 13.02 -17.64
N TYR B 428 9.92 11.75 -18.04
CA TYR B 428 8.98 11.10 -18.93
C TYR B 428 8.76 9.63 -18.59
N ILE B 429 7.67 9.10 -19.11
CA ILE B 429 7.47 7.67 -19.22
C ILE B 429 7.20 7.40 -20.69
N PHE B 430 7.92 6.45 -21.27
CA PHE B 430 7.78 6.05 -22.69
C PHE B 430 6.88 4.82 -22.81
N GLU B 431 5.81 4.92 -23.60
CA GLU B 431 4.66 3.97 -23.54
C GLU B 431 4.28 3.35 -24.86
N HIS B 432 5.11 3.55 -25.89
CA HIS B 432 4.84 2.96 -27.18
C HIS B 432 5.64 1.68 -27.40
N ARG B 433 4.95 0.58 -27.69
CA ARG B 433 5.60 -0.68 -28.04
C ARG B 433 5.89 -0.73 -29.53
N ALA B 434 7.16 -0.89 -29.86
CA ALA B 434 7.58 -0.95 -31.25
C ALA B 434 6.80 -2.02 -31.98
N SER B 435 6.27 -1.68 -33.14
CA SER B 435 5.52 -2.61 -33.98
C SER B 435 6.36 -3.82 -34.40
N THR B 436 7.68 -3.70 -34.30
CA THR B 436 8.61 -4.70 -34.83
C THR B 436 9.22 -5.62 -33.75
N LEU B 437 8.90 -5.36 -32.48
CA LEU B 437 9.39 -6.18 -31.36
C LEU B 437 9.14 -7.69 -31.54
N THR B 438 10.18 -8.48 -31.26
CA THR B 438 10.10 -9.94 -31.34
C THR B 438 9.96 -10.62 -29.97
N TRP B 439 10.20 -9.87 -28.89
CA TRP B 439 9.80 -10.32 -27.56
C TRP B 439 8.27 -10.44 -27.50
N PRO B 440 7.75 -11.38 -26.69
CA PRO B 440 6.29 -11.57 -26.70
C PRO B 440 5.53 -10.35 -26.23
N LEU B 441 4.22 -10.36 -26.46
CA LEU B 441 3.37 -9.25 -26.10
C LEU B 441 3.24 -8.98 -24.62
N TRP B 442 3.31 -10.03 -23.80
CA TRP B 442 3.07 -9.83 -22.36
C TRP B 442 4.16 -8.96 -21.75
N MET B 443 5.31 -8.83 -22.43
CA MET B 443 6.42 -8.03 -21.94
C MET B 443 6.18 -6.53 -22.14
N GLY B 444 5.20 -6.17 -22.96
CA GLY B 444 4.79 -4.77 -23.07
C GLY B 444 5.82 -3.88 -23.76
N VAL B 445 6.20 -2.79 -23.09
CA VAL B 445 7.29 -1.92 -23.57
C VAL B 445 8.55 -2.21 -22.75
N PRO B 446 9.42 -3.12 -23.24
CA PRO B 446 10.49 -3.57 -22.34
C PRO B 446 11.66 -2.62 -22.22
N HIS B 447 12.47 -2.86 -21.19
CA HIS B 447 13.77 -2.21 -21.00
C HIS B 447 14.54 -2.15 -22.31
N GLY B 448 14.74 -0.94 -22.82
CA GLY B 448 15.66 -0.72 -23.91
C GLY B 448 15.03 -0.44 -25.24
N TYR B 449 13.70 -0.53 -25.33
CA TYR B 449 13.07 -0.39 -26.63
C TYR B 449 12.52 0.99 -26.90
N GLU B 450 13.00 1.99 -26.17
CA GLU B 450 12.81 3.37 -26.59
C GLU B 450 13.96 3.85 -27.47
N ILE B 451 15.12 3.21 -27.33
CA ILE B 451 16.36 3.74 -27.89
C ILE B 451 16.27 3.97 -29.39
N GLU B 452 15.76 2.98 -30.11
CA GLU B 452 15.68 3.05 -31.58
C GLU B 452 14.85 4.23 -32.09
N PHE B 453 13.85 4.65 -31.31
CA PHE B 453 13.03 5.85 -31.62
C PHE B 453 13.84 7.15 -31.41
N ILE B 454 14.51 7.28 -30.27
CA ILE B 454 15.42 8.40 -29.98
C ILE B 454 16.48 8.59 -31.06
N PHE B 455 17.09 7.49 -31.50
CA PHE B 455 18.13 7.56 -32.52
C PHE B 455 17.55 7.73 -33.91
N GLY B 456 16.24 7.57 -34.03
CA GLY B 456 15.57 7.85 -35.28
C GLY B 456 15.61 6.75 -36.33
N LEU B 457 15.75 5.50 -35.90
CA LEU B 457 15.76 4.36 -36.82
C LEU B 457 14.52 4.21 -37.72
N PRO B 458 13.33 4.61 -37.22
CA PRO B 458 12.11 4.51 -38.04
C PRO B 458 12.13 5.35 -39.31
N LEU B 459 13.06 6.29 -39.42
CA LEU B 459 13.17 7.07 -40.64
C LEU B 459 13.81 6.25 -41.77
N ASP B 460 14.28 5.04 -41.45
CA ASP B 460 14.88 4.16 -42.45
C ASP B 460 13.77 3.28 -43.02
N PRO B 461 13.29 3.62 -44.23
CA PRO B 461 12.12 2.92 -44.78
C PRO B 461 12.30 1.41 -44.85
N SER B 462 13.53 0.96 -45.05
CA SER B 462 13.83 -0.46 -45.20
C SER B 462 13.64 -1.22 -43.90
N LEU B 463 13.43 -0.51 -42.79
CA LEU B 463 13.27 -1.14 -41.49
C LEU B 463 11.83 -1.49 -41.14
N ASN B 464 10.90 -1.14 -42.01
CA ASN B 464 9.51 -1.62 -41.93
C ASN B 464 8.77 -1.16 -40.68
N TYR B 465 9.10 0.04 -40.19
CA TYR B 465 8.30 0.71 -39.18
C TYR B 465 7.08 1.38 -39.80
N THR B 466 6.07 1.66 -38.98
CA THR B 466 4.85 2.36 -39.44
C THR B 466 5.08 3.87 -39.60
N THR B 467 4.25 4.51 -40.42
CA THR B 467 4.25 5.96 -40.59
C THR B 467 4.14 6.70 -39.25
N GLU B 468 3.25 6.22 -38.39
CA GLU B 468 3.05 6.86 -37.10
C GLU B 468 4.34 6.83 -36.33
N GLU B 469 5.03 5.70 -36.41
CA GLU B 469 6.28 5.51 -35.69
C GLU B 469 7.37 6.44 -36.23
N ARG B 470 7.36 6.69 -37.54
CA ARG B 470 8.33 7.61 -38.12
C ARG B 470 8.12 9.01 -37.54
N ILE B 471 6.86 9.46 -37.56
CA ILE B 471 6.46 10.76 -37.01
C ILE B 471 6.76 10.92 -35.52
N PHE B 472 6.57 9.82 -34.79
CA PHE B 472 6.89 9.74 -33.37
C PHE B 472 8.40 9.97 -33.16
N ALA B 473 9.20 9.25 -33.93
CA ALA B 473 10.65 9.33 -33.80
C ALA B 473 11.11 10.74 -34.05
N GLN B 474 10.54 11.40 -35.06
CA GLN B 474 10.95 12.77 -35.33
C GLN B 474 10.67 13.68 -34.14
N ARG B 475 9.53 13.47 -33.44
CA ARG B 475 9.25 14.24 -32.22
C ARG B 475 10.33 13.99 -31.19
N LEU B 476 10.74 12.74 -31.02
CA LEU B 476 11.62 12.42 -29.91
C LEU B 476 13.00 12.97 -30.20
N MET B 477 13.40 12.94 -31.47
CA MET B 477 14.69 13.48 -31.88
C MET B 477 14.71 14.98 -31.59
N LYS B 478 13.60 15.65 -31.89
CA LYS B 478 13.44 17.08 -31.54
C LYS B 478 13.55 17.32 -30.03
N TYR B 479 12.81 16.57 -29.22
CA TYR B 479 12.87 16.76 -27.77
C TYR B 479 14.30 16.68 -27.29
N TRP B 480 14.93 15.55 -27.60
CA TRP B 480 16.31 15.31 -27.17
C TRP B 480 17.32 16.36 -27.68
N THR B 481 17.20 16.80 -28.93
CA THR B 481 18.20 17.74 -29.48
C THR B 481 17.88 19.15 -29.01
N ASN B 482 16.61 19.44 -28.77
CA ASN B 482 16.23 20.69 -28.10
C ASN B 482 16.81 20.76 -26.69
N PHE B 483 16.66 19.67 -25.95
CA PHE B 483 17.29 19.58 -24.63
C PHE B 483 18.80 19.85 -24.76
N ALA B 484 19.45 19.22 -25.73
CA ALA B 484 20.91 19.36 -25.84
C ALA B 484 21.27 20.80 -26.17
N ARG B 485 20.48 21.44 -27.03
CA ARG B 485 20.79 22.81 -27.46
C ARG B 485 20.58 23.79 -26.30
N THR B 486 19.56 23.52 -25.47
CA THR B 486 19.00 24.55 -24.59
C THR B 486 18.86 24.12 -23.12
N GLY B 487 18.93 22.83 -22.82
CA GLY B 487 18.57 22.38 -21.49
C GLY B 487 17.06 22.28 -21.27
N ASP B 488 16.30 22.23 -22.37
CA ASP B 488 14.81 22.29 -22.31
C ASP B 488 14.26 21.58 -23.52
N PRO B 489 13.50 20.50 -23.31
CA PRO B 489 13.06 19.73 -24.49
C PRO B 489 11.96 20.44 -25.32
N ASN B 490 11.42 21.55 -24.85
CA ASN B 490 10.30 22.15 -25.57
C ASN B 490 10.76 22.86 -26.81
N ASP B 491 9.90 22.81 -27.83
CA ASP B 491 10.14 23.44 -29.12
C ASP B 491 10.09 24.95 -28.97
N PRO B 492 11.23 25.65 -29.16
CA PRO B 492 11.38 27.07 -28.77
C PRO B 492 10.55 28.06 -29.59
N ARG B 493 9.69 27.59 -30.48
CA ARG B 493 8.80 28.48 -31.23
C ARG B 493 7.59 27.72 -31.75
N ASP B 494 7.85 26.61 -32.45
CA ASP B 494 6.77 25.81 -33.02
C ASP B 494 5.80 25.31 -31.96
N SER B 495 4.71 24.69 -32.40
CA SER B 495 3.64 24.21 -31.53
C SER B 495 4.25 23.48 -30.34
N LYS B 496 3.97 23.88 -29.09
CA LYS B 496 2.93 24.84 -28.70
C LYS B 496 1.58 24.32 -29.21
N SER B 497 1.04 23.29 -28.56
CA SER B 497 1.51 22.78 -27.26
C SER B 497 1.25 21.25 -27.16
N PRO B 498 0.92 20.69 -25.97
CA PRO B 498 0.99 21.12 -24.56
C PRO B 498 2.45 21.18 -24.13
N GLN B 499 2.78 22.11 -23.23
CA GLN B 499 4.15 22.28 -22.84
C GLN B 499 4.64 21.11 -21.98
N TRP B 500 5.91 20.75 -22.12
CA TRP B 500 6.53 19.77 -21.23
C TRP B 500 7.08 20.49 -19.97
N PRO B 501 6.41 20.35 -18.82
CA PRO B 501 6.86 21.13 -17.65
C PRO B 501 8.01 20.47 -16.88
N PRO B 502 8.80 21.27 -16.14
CA PRO B 502 9.85 20.72 -15.28
C PRO B 502 9.33 19.86 -14.13
N TYR B 503 10.03 18.76 -13.84
CA TYR B 503 9.72 17.98 -12.66
C TYR B 503 10.12 18.71 -11.41
N THR B 504 9.23 18.74 -10.42
CA THR B 504 9.46 19.44 -9.14
C THR B 504 8.98 18.57 -7.96
N THR B 505 9.45 18.83 -6.76
CA THR B 505 9.02 18.01 -5.65
C THR B 505 7.54 18.31 -5.31
N ALA B 506 7.12 19.56 -5.46
CA ALA B 506 5.74 19.93 -5.12
C ALA B 506 4.73 19.26 -6.05
N ALA B 507 4.87 19.44 -7.36
CA ALA B 507 3.88 19.00 -8.32
C ALA B 507 4.21 17.66 -9.01
N GLN B 508 5.48 17.27 -8.95
CA GLN B 508 5.96 16.00 -9.49
C GLN B 508 5.46 15.68 -10.90
N GLN B 509 5.39 16.70 -11.75
CA GLN B 509 4.92 16.50 -13.13
C GLN B 509 5.93 15.81 -14.07
N TYR B 510 5.43 14.87 -14.87
CA TYR B 510 6.18 14.23 -15.95
C TYR B 510 5.27 14.07 -17.16
N VAL B 511 5.81 13.65 -18.31
CA VAL B 511 4.98 13.52 -19.52
C VAL B 511 5.01 12.08 -20.07
N SER B 512 3.92 11.70 -20.73
CA SER B 512 3.89 10.44 -21.47
C SER B 512 4.41 10.63 -22.90
N LEU B 513 5.34 9.77 -23.30
CA LEU B 513 5.87 9.75 -24.66
C LEU B 513 5.24 8.53 -25.35
N ASN B 514 4.36 8.80 -26.31
CA ASN B 514 3.65 7.74 -27.02
C ASN B 514 3.06 8.38 -28.26
N LEU B 515 2.20 7.67 -28.97
CA LEU B 515 1.74 8.19 -30.27
C LEU B 515 0.83 9.38 -30.16
N LYS B 516 0.09 9.51 -29.05
CA LYS B 516 -0.73 10.70 -28.84
C LYS B 516 0.18 11.87 -28.46
N PRO B 517 -0.31 13.11 -28.55
CA PRO B 517 0.47 14.29 -28.11
C PRO B 517 0.82 14.24 -26.62
N LEU B 518 1.89 14.94 -26.21
CA LEU B 518 2.30 14.95 -24.81
C LEU B 518 1.11 15.10 -23.91
N GLU B 519 1.13 14.34 -22.82
CA GLU B 519 0.20 14.54 -21.76
C GLU B 519 0.98 14.65 -20.44
N VAL B 520 0.64 15.65 -19.66
CA VAL B 520 1.22 15.84 -18.36
C VAL B 520 0.49 15.04 -17.25
N ARG B 521 1.23 14.19 -16.57
CA ARG B 521 0.77 13.47 -15.38
C ARG B 521 1.53 13.94 -14.12
N ARG B 522 1.04 13.54 -12.96
CA ARG B 522 1.65 13.97 -11.69
C ARG B 522 1.93 12.77 -10.81
N GLY B 523 3.17 12.70 -10.32
CA GLY B 523 3.57 11.67 -9.37
C GLY B 523 3.98 10.41 -10.07
N LEU B 524 5.26 10.06 -9.94
CA LEU B 524 5.80 8.89 -10.59
C LEU B 524 5.76 7.66 -9.67
N ARG B 525 4.71 6.83 -9.82
CA ARG B 525 4.44 5.73 -8.90
C ARG B 525 4.61 6.22 -7.46
N ALA B 526 3.97 7.32 -7.14
CA ALA B 526 4.30 8.02 -5.91
C ALA B 526 4.14 7.12 -4.68
N GLN B 527 3.01 6.42 -4.56
CA GLN B 527 2.70 5.59 -3.36
C GLN B 527 3.64 4.43 -3.25
N THR B 528 3.77 3.70 -4.36
CA THR B 528 4.65 2.56 -4.44
C THR B 528 6.14 2.92 -4.27
N CYS B 529 6.59 4.05 -4.81
CA CYS B 529 8.00 4.40 -4.58
C CYS B 529 8.21 4.92 -3.16
N ALA B 530 7.17 5.40 -2.49
CA ALA B 530 7.30 5.72 -1.08
C ALA B 530 7.67 4.44 -0.32
N PHE B 531 7.00 3.34 -0.65
CA PHE B 531 7.29 2.03 -0.09
C PHE B 531 8.74 1.62 -0.28
N TRP B 532 9.21 1.61 -1.53
CA TRP B 532 10.61 1.31 -1.80
C TRP B 532 11.55 2.30 -1.17
N ASN B 533 11.25 3.60 -1.26
CA ASN B 533 12.28 4.59 -0.95
C ASN B 533 12.28 5.06 0.48
N ARG B 534 11.13 5.00 1.14
CA ARG B 534 11.04 5.49 2.52
C ARG B 534 10.83 4.35 3.49
N PHE B 535 9.95 3.39 3.18
CA PHE B 535 9.69 2.36 4.16
C PHE B 535 10.69 1.22 4.18
N LEU B 536 10.88 0.52 3.06
CA LEU B 536 11.76 -0.66 3.09
C LEU B 536 13.14 -0.44 3.70
N PRO B 537 13.75 0.71 3.41
CA PRO B 537 15.06 0.97 4.03
C PRO B 537 14.96 1.00 5.56
N LYS B 538 13.92 1.63 6.12
CA LYS B 538 13.69 1.60 7.58
C LYS B 538 13.58 0.17 8.10
N LEU B 539 13.33 -0.76 7.20
CA LEU B 539 13.12 -2.14 7.60
C LEU B 539 14.42 -2.90 7.76
N LEU B 540 15.36 -2.68 6.84
CA LEU B 540 16.75 -3.14 7.01
C LEU B 540 17.32 -2.57 8.32
N SER B 541 17.07 -1.27 8.51
CA SER B 541 17.34 -0.57 9.76
C SER B 541 16.18 -0.66 10.80
#